data_3Q5Y
#
_entry.id   3Q5Y
#
_cell.length_a   78.182
_cell.length_b   129.561
_cell.length_c   129.702
_cell.angle_alpha   90.00
_cell.angle_beta   90.00
_cell.angle_gamma   90.00
#
_symmetry.space_group_name_H-M   'P 21 21 21'
#
loop_
_entity.id
_entity.type
_entity.pdbx_description
1 polymer 'TCR N15 beta'
2 non-polymer GLYCEROL
3 non-polymer DI(HYDROXYETHYL)ETHER
4 non-polymer '4-(2-HYDROXYETHYL)-1-PIPERAZINE ETHANESULFONIC ACID'
5 water water
#
_entity_poly.entity_id   1
_entity_poly.type   'polypeptide(L)'
_entity_poly.pdbx_seq_one_letter_code
;MDSGVVQSPRHIIKEKGGRSVLTCIPISGHSNVVWYQQTLGKELKFLIQHYEKVERDKGFLPSRFSVQQFDDYHSEMNMS
ALELEDSAMYFCASSLRWGDEQYFGPGTRLTVLEDLRNVTPPKVSLFEPSKAEIANKQKATLVCLARGFFPDHVELSWWV
NGKEVHSGVSTDPQAYKESNYSYSLSSRLRVSATFWHNPRNHFRCQVQFHGLSEEDKWPEGSPKPVTQNISAEAWGRADS
;
_entity_poly.pdbx_strand_id   A,B,C,D
#
# COMPACT_ATOMS: atom_id res chain seq x y z
N MET A 1 17.64 13.75 -26.08
CA MET A 1 17.31 13.82 -27.53
C MET A 1 17.50 15.23 -28.08
N ASP A 2 17.24 15.38 -29.38
CA ASP A 2 17.49 16.65 -30.05
C ASP A 2 16.53 17.76 -29.67
N SER A 3 15.26 17.42 -29.48
CA SER A 3 14.31 18.41 -28.98
C SER A 3 13.10 17.71 -28.39
N GLY A 4 12.25 18.50 -27.76
CA GLY A 4 11.06 17.97 -27.13
C GLY A 4 9.85 18.68 -27.68
N VAL A 5 8.71 18.35 -27.10
CA VAL A 5 7.43 18.96 -27.44
C VAL A 5 7.47 20.44 -27.05
N VAL A 6 6.91 21.29 -27.90
CA VAL A 6 6.76 22.70 -27.58
C VAL A 6 5.30 23.12 -27.64
N GLN A 7 4.97 24.14 -26.86
CA GLN A 7 3.60 24.64 -26.74
C GLN A 7 3.58 26.15 -26.80
N SER A 8 2.43 26.71 -27.19
CA SER A 8 2.23 28.14 -27.21
C SER A 8 0.78 28.41 -26.86
N PRO A 9 0.53 29.47 -26.08
CA PRO A 9 1.53 30.31 -25.42
C PRO A 9 2.07 29.62 -24.16
N ARG A 10 2.97 30.25 -23.41
CA ARG A 10 3.43 29.67 -22.14
C ARG A 10 2.54 30.15 -20.97
N HIS A 11 2.15 31.41 -21.02
CA HIS A 11 1.21 31.98 -20.08
C HIS A 11 0.18 32.80 -20.86
N ILE A 12 -1.07 32.76 -20.42
CA ILE A 12 -2.05 33.69 -20.96
C ILE A 12 -3.17 34.00 -19.96
N ILE A 13 -3.60 35.25 -19.94
CA ILE A 13 -4.68 35.72 -19.09
C ILE A 13 -5.88 36.07 -19.97
N LYS A 14 -7.03 35.49 -19.62
CA LYS A 14 -8.28 35.73 -20.36
C LYS A 14 -9.38 36.17 -19.41
N GLU A 15 -10.31 36.97 -19.90
CA GLU A 15 -11.47 37.32 -19.11
C GLU A 15 -12.56 36.25 -19.26
N LYS A 16 -13.35 36.05 -18.21
CA LYS A 16 -14.48 35.12 -18.25
C LYS A 16 -15.35 35.42 -19.48
N GLY A 17 -15.78 34.37 -20.16
CA GLY A 17 -16.61 34.51 -21.35
C GLY A 17 -15.79 34.62 -22.62
N GLY A 18 -14.48 34.75 -22.48
CA GLY A 18 -13.60 34.90 -23.63
C GLY A 18 -13.27 33.58 -24.33
N ARG A 19 -12.33 33.66 -25.26
CA ARG A 19 -11.94 32.50 -26.07
C ARG A 19 -10.45 32.56 -26.33
N SER A 20 -9.80 31.41 -26.38
CA SER A 20 -8.41 31.35 -26.76
CA SER A 20 -8.41 31.35 -26.77
C SER A 20 -8.06 29.99 -27.35
N VAL A 21 -6.95 29.96 -28.07
CA VAL A 21 -6.47 28.75 -28.73
C VAL A 21 -5.07 28.40 -28.19
N LEU A 22 -4.93 27.17 -27.71
CA LEU A 22 -3.64 26.65 -27.26
C LEU A 22 -3.09 25.72 -28.33
N THR A 23 -1.79 25.80 -28.58
CA THR A 23 -1.20 25.03 -29.66
C THR A 23 -0.01 24.21 -29.18
N CYS A 24 0.14 23.05 -29.81
CA CYS A 24 1.17 22.10 -29.47
C CYS A 24 1.88 21.60 -30.73
N ILE A 25 3.22 21.64 -30.73
CA ILE A 25 4.01 21.01 -31.78
C ILE A 25 4.71 19.76 -31.20
N PRO A 26 4.38 18.58 -31.76
CA PRO A 26 4.97 17.35 -31.23
C PRO A 26 6.43 17.20 -31.62
N ILE A 27 7.13 16.29 -30.97
CA ILE A 27 8.45 15.91 -31.42
C ILE A 27 8.40 15.50 -32.89
N SER A 28 9.37 15.97 -33.67
CA SER A 28 9.40 15.69 -35.10
C SER A 28 9.31 14.19 -35.39
N GLY A 29 8.31 13.81 -36.17
CA GLY A 29 8.12 12.41 -36.48
C GLY A 29 7.00 11.76 -35.67
N HIS A 30 6.59 12.40 -34.58
CA HIS A 30 5.50 11.86 -33.75
C HIS A 30 4.17 12.26 -34.36
N SER A 31 3.23 11.33 -34.37
CA SER A 31 1.93 11.59 -34.98
C SER A 31 0.76 11.40 -34.00
N ASN A 32 1.06 11.00 -32.76
CA ASN A 32 0.04 10.82 -31.71
C ASN A 32 0.19 11.94 -30.68
N VAL A 33 -0.89 12.68 -30.46
CA VAL A 33 -0.84 13.86 -29.57
C VAL A 33 -2.02 13.85 -28.61
N VAL A 34 -1.73 13.97 -27.32
CA VAL A 34 -2.77 13.96 -26.28
C VAL A 34 -2.72 15.24 -25.47
N TRP A 35 -3.88 15.66 -24.96
CA TRP A 35 -3.95 16.81 -24.08
C TRP A 35 -4.41 16.40 -22.67
N TYR A 36 -3.85 17.08 -21.66
CA TYR A 36 -4.27 16.95 -20.27
C TYR A 36 -4.55 18.32 -19.67
N GLN A 37 -5.49 18.34 -18.73
CA GLN A 37 -5.81 19.54 -17.95
C GLN A 37 -5.43 19.28 -16.50
N GLN A 38 -4.85 20.28 -15.85
CA GLN A 38 -4.52 20.13 -14.44
C GLN A 38 -4.77 21.40 -13.67
N THR A 39 -5.73 21.33 -12.77
CA THR A 39 -5.95 22.40 -11.84
C THR A 39 -4.79 22.44 -10.87
N LEU A 40 -4.42 23.64 -10.45
CA LEU A 40 -3.29 23.83 -9.55
C LEU A 40 -3.36 22.85 -8.36
N GLY A 41 -2.28 22.09 -8.20
CA GLY A 41 -2.14 21.18 -7.06
C GLY A 41 -2.97 19.92 -7.15
N LYS A 42 -3.50 19.61 -8.33
CA LYS A 42 -4.33 18.41 -8.49
C LYS A 42 -3.78 17.43 -9.51
N GLU A 43 -4.59 16.44 -9.86
CA GLU A 43 -4.18 15.36 -10.74
C GLU A 43 -4.26 15.80 -12.19
N LEU A 44 -3.60 15.05 -13.08
CA LEU A 44 -3.73 15.30 -14.49
C LEU A 44 -5.04 14.70 -14.93
N LYS A 45 -5.75 15.43 -15.78
CA LYS A 45 -7.00 14.92 -16.32
CA LYS A 45 -7.01 14.94 -16.33
C LYS A 45 -6.88 14.78 -17.84
N PHE A 46 -6.98 13.55 -18.30
CA PHE A 46 -6.88 13.28 -19.72
C PHE A 46 -8.07 13.89 -20.45
N LEU A 47 -7.79 14.64 -21.51
CA LEU A 47 -8.84 15.30 -22.26
C LEU A 47 -9.15 14.59 -23.56
N ILE A 48 -8.15 14.43 -24.43
CA ILE A 48 -8.39 13.85 -25.76
C ILE A 48 -7.09 13.41 -26.43
N GLN A 49 -7.23 12.52 -27.40
CA GLN A 49 -6.10 11.94 -28.12
C GLN A 49 -6.39 11.94 -29.62
N HIS A 50 -5.44 12.42 -30.40
CA HIS A 50 -5.47 12.32 -31.86
C HIS A 50 -4.25 11.57 -32.38
N TYR A 51 -4.48 10.70 -33.35
CA TYR A 51 -3.40 9.98 -34.01
C TYR A 51 -3.63 10.01 -35.52
N GLU A 52 -2.63 10.53 -36.24
N GLU A 52 -2.63 10.49 -36.26
CA GLU A 52 -2.71 10.71 -37.68
CA GLU A 52 -2.75 10.65 -37.72
C GLU A 52 -3.98 11.47 -38.05
C GLU A 52 -4.00 11.46 -38.07
N LYS A 53 -4.28 12.47 -37.25
CA LYS A 53 -5.36 13.43 -37.49
C LYS A 53 -6.73 12.96 -37.04
N VAL A 54 -6.83 11.72 -36.56
CA VAL A 54 -8.11 11.12 -36.21
C VAL A 54 -8.29 11.03 -34.68
N GLU A 55 -9.42 11.50 -34.19
CA GLU A 55 -9.77 11.35 -32.78
C GLU A 55 -9.80 9.88 -32.41
N ARG A 56 -9.09 9.53 -31.35
CA ARG A 56 -9.19 8.20 -30.80
C ARG A 56 -9.89 8.34 -29.44
N ASP A 57 -9.14 8.24 -28.35
CA ASP A 57 -9.75 8.28 -27.03
C ASP A 57 -10.15 9.72 -26.64
N LYS A 58 -11.21 9.83 -25.85
CA LYS A 58 -11.63 11.09 -25.29
C LYS A 58 -12.01 10.91 -23.83
N GLY A 59 -11.58 11.84 -22.97
CA GLY A 59 -12.02 11.86 -21.58
C GLY A 59 -13.21 12.79 -21.45
N PHE A 60 -13.35 13.45 -20.31
CA PHE A 60 -14.41 14.43 -20.15
C PHE A 60 -13.92 15.78 -20.68
N LEU A 61 -14.11 15.98 -21.97
CA LEU A 61 -13.75 17.22 -22.64
C LEU A 61 -15.01 18.04 -22.71
N PRO A 62 -14.99 19.25 -22.15
CA PRO A 62 -16.21 20.05 -22.23
C PRO A 62 -16.55 20.40 -23.67
N SER A 63 -17.83 20.56 -23.95
CA SER A 63 -18.30 20.87 -25.30
C SER A 63 -17.74 22.21 -25.77
N ARG A 64 -17.34 23.05 -24.82
CA ARG A 64 -16.80 24.37 -25.13
C ARG A 64 -15.36 24.28 -25.65
N PHE A 65 -14.72 23.13 -25.48
CA PHE A 65 -13.39 22.91 -26.02
C PHE A 65 -13.49 22.02 -27.24
N SER A 66 -12.77 22.39 -28.31
CA SER A 66 -12.66 21.50 -29.46
C SER A 66 -11.20 21.42 -29.87
N VAL A 67 -10.78 20.22 -30.27
CA VAL A 67 -9.39 19.97 -30.56
C VAL A 67 -9.25 19.39 -31.96
N GLN A 68 -8.21 19.81 -32.66
CA GLN A 68 -7.96 19.33 -34.01
C GLN A 68 -6.46 19.13 -34.18
N GLN A 69 -6.10 18.06 -34.88
CA GLN A 69 -4.72 17.82 -35.29
C GLN A 69 -4.61 18.05 -36.79
N PHE A 70 -3.50 18.64 -37.20
CA PHE A 70 -3.31 19.15 -38.53
C PHE A 70 -2.30 18.34 -39.34
N ASP A 71 -2.11 18.74 -40.58
CA ASP A 71 -1.29 17.98 -41.54
C ASP A 71 0.11 17.69 -41.02
N ASP A 72 0.67 18.66 -40.28
CA ASP A 72 2.04 18.59 -39.80
C ASP A 72 2.05 17.98 -38.39
N TYR A 73 0.91 17.43 -38.01
CA TYR A 73 0.71 16.73 -36.73
C TYR A 73 0.63 17.63 -35.51
N HIS A 74 0.77 18.94 -35.68
CA HIS A 74 0.53 19.82 -34.55
C HIS A 74 -0.95 19.81 -34.19
N SER A 75 -1.23 20.19 -32.95
CA SER A 75 -2.59 20.14 -32.38
C SER A 75 -3.01 21.48 -31.76
N GLU A 76 -4.29 21.83 -31.90
CA GLU A 76 -4.83 23.07 -31.33
C GLU A 76 -6.10 22.77 -30.53
N MET A 77 -6.18 23.34 -29.33
CA MET A 77 -7.39 23.30 -28.54
C MET A 77 -7.99 24.70 -28.58
N ASN A 78 -9.19 24.78 -29.15
CA ASN A 78 -9.96 26.00 -29.23
C ASN A 78 -10.95 26.00 -28.07
N MET A 79 -10.83 27.01 -27.22
CA MET A 79 -11.58 27.05 -25.99
C MET A 79 -12.49 28.27 -26.00
N SER A 80 -13.80 28.03 -25.85
CA SER A 80 -14.76 29.11 -25.95
C SER A 80 -15.51 29.31 -24.62
N ALA A 81 -16.19 30.45 -24.49
CA ALA A 81 -17.03 30.72 -23.32
C ALA A 81 -16.31 30.36 -22.02
N LEU A 82 -15.08 30.81 -21.90
CA LEU A 82 -14.23 30.44 -20.79
C LEU A 82 -14.86 30.74 -19.43
N GLU A 83 -14.60 29.85 -18.49
CA GLU A 83 -15.09 29.96 -17.13
C GLU A 83 -13.91 30.06 -16.16
N LEU A 84 -14.15 30.59 -14.97
CA LEU A 84 -13.07 30.73 -14.00
C LEU A 84 -12.42 29.37 -13.77
N GLU A 85 -13.24 28.34 -13.77
CA GLU A 85 -12.77 27.01 -13.40
C GLU A 85 -11.94 26.36 -14.52
N ASP A 86 -11.88 27.01 -15.68
CA ASP A 86 -10.97 26.59 -16.73
C ASP A 86 -9.52 27.04 -16.45
N SER A 87 -9.29 27.85 -15.42
CA SER A 87 -7.94 28.27 -15.10
C SER A 87 -7.17 27.02 -14.70
N ALA A 88 -6.11 26.72 -15.43
CA ALA A 88 -5.35 25.50 -15.21
C ALA A 88 -4.10 25.50 -16.05
N MET A 89 -3.27 24.48 -15.82
CA MET A 89 -2.21 24.13 -16.74
C MET A 89 -2.75 23.13 -17.75
N TYR A 90 -2.44 23.37 -19.03
CA TYR A 90 -2.78 22.46 -20.10
C TYR A 90 -1.52 21.89 -20.75
N PHE A 91 -1.31 20.60 -20.56
CA PHE A 91 -0.16 19.91 -21.14
C PHE A 91 -0.54 19.17 -22.41
N CYS A 92 0.33 19.20 -23.40
CA CYS A 92 0.20 18.23 -24.48
C CYS A 92 1.38 17.28 -24.39
N ALA A 93 1.20 16.09 -24.92
CA ALA A 93 2.26 15.10 -24.97
C ALA A 93 2.17 14.34 -26.28
N SER A 94 3.33 14.01 -26.85
CA SER A 94 3.38 13.31 -28.12
C SER A 94 4.09 11.97 -27.98
N SER A 95 3.72 11.05 -28.86
CA SER A 95 4.38 9.76 -28.98
C SER A 95 4.48 9.40 -30.45
N LEU A 96 5.40 8.50 -30.78
CA LEU A 96 5.62 8.09 -32.15
C LEU A 96 4.30 7.58 -32.75
N ARG A 97 3.69 6.63 -32.06
CA ARG A 97 2.40 6.08 -32.46
CA ARG A 97 2.37 6.16 -32.46
C ARG A 97 1.53 5.91 -31.22
N TRP A 98 0.23 5.68 -31.39
CA TRP A 98 -0.62 5.39 -30.25
C TRP A 98 -0.06 4.15 -29.54
N GLY A 99 -0.12 4.15 -28.22
CA GLY A 99 0.40 3.05 -27.40
C GLY A 99 1.86 3.19 -27.00
N ASP A 100 2.56 4.17 -27.55
CA ASP A 100 3.98 4.36 -27.27
C ASP A 100 4.16 5.35 -26.12
N GLU A 101 5.33 5.32 -25.49
CA GLU A 101 5.69 6.30 -24.48
C GLU A 101 5.45 7.74 -24.94
N GLN A 102 4.79 8.52 -24.09
CA GLN A 102 4.51 9.91 -24.44
C GLN A 102 5.50 10.84 -23.75
N TYR A 103 5.82 11.92 -24.46
CA TYR A 103 6.76 12.96 -24.03
C TYR A 103 6.01 14.28 -23.83
N PHE A 104 6.21 14.93 -22.69
CA PHE A 104 5.43 16.08 -22.30
C PHE A 104 5.99 17.42 -22.77
N GLY A 105 5.08 18.30 -23.19
CA GLY A 105 5.40 19.69 -23.42
C GLY A 105 5.49 20.41 -22.09
N PRO A 106 5.86 21.69 -22.12
CA PRO A 106 6.09 22.49 -20.90
C PRO A 106 4.79 22.94 -20.24
N GLY A 107 3.69 22.81 -20.95
CA GLY A 107 2.41 23.30 -20.48
C GLY A 107 2.12 24.76 -20.85
N THR A 108 0.83 25.07 -20.95
CA THR A 108 0.34 26.43 -21.03
C THR A 108 -0.46 26.74 -19.77
N ARG A 109 -0.03 27.78 -19.07
CA ARG A 109 -0.78 28.31 -17.94
C ARG A 109 -1.84 29.29 -18.42
N LEU A 110 -3.08 28.85 -18.34
CA LEU A 110 -4.24 29.69 -18.63
C LEU A 110 -4.87 30.18 -17.33
N THR A 111 -4.94 31.49 -17.17
CA THR A 111 -5.64 32.08 -16.05
C THR A 111 -6.85 32.84 -16.56
N VAL A 112 -8.02 32.47 -16.06
CA VAL A 112 -9.27 33.13 -16.44
C VAL A 112 -9.76 33.96 -15.28
N LEU A 113 -9.97 35.25 -15.51
CA LEU A 113 -10.37 36.17 -14.45
C LEU A 113 -11.71 36.85 -14.71
N GLU A 114 -12.40 37.27 -13.66
CA GLU A 114 -13.62 38.05 -13.82
C GLU A 114 -13.34 39.44 -14.37
N ASP A 115 -12.27 40.07 -13.87
CA ASP A 115 -11.94 41.46 -14.21
C ASP A 115 -10.44 41.63 -14.47
N LEU A 116 -10.07 41.89 -15.72
CA LEU A 116 -8.67 42.09 -16.07
C LEU A 116 -8.06 43.30 -15.34
N ARG A 117 -8.89 44.16 -14.76
CA ARG A 117 -8.36 45.35 -14.12
C ARG A 117 -7.60 45.00 -12.83
N ASN A 118 -7.73 43.75 -12.38
CA ASN A 118 -6.99 43.30 -11.21
C ASN A 118 -5.55 42.88 -11.52
N VAL A 119 -5.22 42.74 -12.81
CA VAL A 119 -3.88 42.32 -13.17
C VAL A 119 -2.86 43.40 -12.80
N THR A 120 -1.79 43.02 -12.11
CA THR A 120 -0.79 43.95 -11.57
C THR A 120 0.58 43.33 -11.50
N PRO A 121 1.61 44.07 -11.93
CA PRO A 121 2.98 43.55 -11.85
C PRO A 121 3.54 43.61 -10.42
N PRO A 122 4.61 42.85 -10.13
CA PRO A 122 5.17 42.88 -8.78
C PRO A 122 5.99 44.14 -8.49
N LYS A 123 6.05 44.51 -7.21
CA LYS A 123 7.09 45.43 -6.72
C LYS A 123 8.21 44.54 -6.20
N VAL A 124 9.45 44.83 -6.59
CA VAL A 124 10.59 43.97 -6.25
C VAL A 124 11.60 44.79 -5.43
N SER A 125 11.99 44.24 -4.28
CA SER A 125 12.88 44.91 -3.36
C SER A 125 14.03 43.97 -3.00
N LEU A 126 15.25 44.48 -3.03
CA LEU A 126 16.43 43.74 -2.62
C LEU A 126 16.98 44.32 -1.31
N PHE A 127 17.22 43.46 -0.35
CA PHE A 127 17.67 43.88 0.97
C PHE A 127 19.09 43.41 1.16
N GLU A 128 19.98 44.35 1.49
CA GLU A 128 21.36 44.03 1.79
C GLU A 128 21.42 43.28 3.13
N PRO A 129 22.48 42.51 3.35
CA PRO A 129 22.63 41.73 4.57
C PRO A 129 22.73 42.59 5.83
N SER A 130 22.25 42.03 6.92
CA SER A 130 22.31 42.69 8.21
C SER A 130 23.75 42.66 8.76
N LYS A 131 24.11 43.68 9.52
CA LYS A 131 25.45 43.73 10.11
C LYS A 131 25.63 42.61 11.13
N ALA A 132 24.54 42.26 11.81
CA ALA A 132 24.56 41.16 12.78
C ALA A 132 24.95 39.83 12.13
N GLU A 133 24.36 39.53 10.96
CA GLU A 133 24.66 38.28 10.27
C GLU A 133 26.14 38.24 9.87
N ILE A 134 26.59 39.31 9.26
CA ILE A 134 27.98 39.37 8.81
C ILE A 134 28.93 39.17 9.99
N ALA A 135 28.69 39.89 11.09
CA ALA A 135 29.56 39.81 12.25
C ALA A 135 29.55 38.42 12.90
N ASN A 136 28.38 37.78 12.98
CA ASN A 136 28.23 36.59 13.81
C ASN A 136 28.35 35.26 13.06
N LYS A 137 28.02 35.27 11.77
CA LYS A 137 28.01 34.04 10.97
C LYS A 137 29.05 34.06 9.83
N GLN A 138 29.63 35.23 9.57
CA GLN A 138 30.55 35.42 8.43
C GLN A 138 29.90 34.95 7.12
N LYS A 139 28.59 35.05 7.08
CA LYS A 139 27.85 34.89 5.83
C LYS A 139 27.06 36.15 5.60
N ALA A 140 26.64 36.36 4.35
CA ALA A 140 25.88 37.54 3.98
C ALA A 140 24.72 37.08 3.12
N THR A 141 23.50 37.25 3.61
CA THR A 141 22.31 36.85 2.86
C THR A 141 21.58 38.08 2.33
N LEU A 142 21.37 38.09 1.02
CA LEU A 142 20.52 39.08 0.40
C LEU A 142 19.10 38.51 0.26
N VAL A 143 18.10 39.34 0.53
CA VAL A 143 16.71 38.90 0.41
C VAL A 143 16.07 39.68 -0.72
N CYS A 144 15.33 38.96 -1.57
CA CYS A 144 14.54 39.57 -2.61
C CYS A 144 13.07 39.26 -2.34
N LEU A 145 12.25 40.31 -2.34
CA LEU A 145 10.82 40.18 -2.13
C LEU A 145 10.13 40.70 -3.37
N ALA A 146 9.23 39.89 -3.92
CA ALA A 146 8.42 40.28 -5.08
C ALA A 146 6.99 40.07 -4.68
N ARG A 147 6.23 41.16 -4.61
CA ARG A 147 4.89 41.07 -4.05
C ARG A 147 3.94 42.12 -4.64
N GLY A 148 2.66 41.98 -4.31
CA GLY A 148 1.63 42.87 -4.80
C GLY A 148 1.24 42.55 -6.22
N PHE A 149 1.62 41.37 -6.71
CA PHE A 149 1.33 41.00 -8.09
C PHE A 149 0.13 40.08 -8.24
N PHE A 150 -0.45 40.08 -9.43
CA PHE A 150 -1.63 39.26 -9.74
C PHE A 150 -1.77 39.14 -11.25
N PRO A 151 -2.06 37.93 -11.77
CA PRO A 151 -2.18 36.67 -11.05
C PRO A 151 -0.80 36.06 -10.80
N ASP A 152 -0.75 34.78 -10.49
CA ASP A 152 0.48 34.10 -10.03
C ASP A 152 1.35 33.70 -11.23
N HIS A 153 1.91 34.72 -11.87
CA HIS A 153 2.62 34.58 -13.14
C HIS A 153 4.01 35.22 -13.05
N VAL A 154 4.78 34.86 -12.03
CA VAL A 154 6.11 35.46 -11.78
C VAL A 154 7.20 34.39 -11.78
N GLU A 155 8.39 34.73 -12.29
CA GLU A 155 9.56 33.86 -12.24
C GLU A 155 10.74 34.68 -11.75
N LEU A 156 11.42 34.18 -10.72
CA LEU A 156 12.48 34.93 -10.07
C LEU A 156 13.82 34.26 -10.26
N SER A 157 14.84 35.04 -10.58
CA SER A 157 16.19 34.53 -10.77
C SER A 157 17.24 35.49 -10.18
N TRP A 158 18.41 34.96 -9.86
CA TRP A 158 19.51 35.72 -9.31
C TRP A 158 20.72 35.74 -10.25
N TRP A 159 21.34 36.91 -10.34
CA TRP A 159 22.46 37.11 -11.22
C TRP A 159 23.59 37.82 -10.45
N VAL A 160 24.76 37.20 -10.45
CA VAL A 160 25.93 37.77 -9.81
C VAL A 160 26.99 38.06 -10.87
N ASN A 161 27.41 39.32 -10.94
CA ASN A 161 28.36 39.78 -11.94
C ASN A 161 27.94 39.37 -13.36
N GLY A 162 26.64 39.46 -13.61
CA GLY A 162 26.07 39.24 -14.93
C GLY A 162 25.80 37.79 -15.30
N LYS A 163 26.02 36.87 -14.36
CA LYS A 163 25.82 35.45 -14.64
C LYS A 163 24.83 34.85 -13.65
N GLU A 164 23.94 33.98 -14.14
CA GLU A 164 22.92 33.40 -13.27
C GLU A 164 23.57 32.47 -12.25
N VAL A 165 23.14 32.54 -11.02
CA VAL A 165 23.63 31.65 -9.98
C VAL A 165 22.52 30.79 -9.37
N HIS A 166 22.93 29.64 -8.85
CA HIS A 166 22.04 28.72 -8.15
C HIS A 166 22.59 28.34 -6.78
N SER A 167 23.91 28.26 -6.69
CA SER A 167 24.55 27.96 -5.41
C SER A 167 24.22 29.07 -4.41
N GLY A 168 23.67 28.67 -3.26
CA GLY A 168 23.33 29.62 -2.20
C GLY A 168 21.97 30.26 -2.35
N VAL A 169 21.20 29.84 -3.37
CA VAL A 169 19.86 30.40 -3.59
C VAL A 169 18.80 29.50 -2.94
N SER A 170 17.86 30.13 -2.24
CA SER A 170 16.71 29.45 -1.67
C SER A 170 15.48 30.28 -2.01
N THR A 171 14.67 29.81 -2.94
CA THR A 171 13.47 30.55 -3.33
C THR A 171 12.26 29.79 -2.84
N ASP A 172 11.25 30.50 -2.32
CA ASP A 172 10.01 29.85 -1.91
C ASP A 172 9.51 28.98 -3.07
N PRO A 173 9.14 27.72 -2.80
CA PRO A 173 8.62 26.89 -3.89
C PRO A 173 7.36 27.45 -4.57
N GLN A 174 6.59 28.21 -3.80
CA GLN A 174 5.29 28.71 -4.25
C GLN A 174 5.09 30.13 -3.71
N ALA A 175 4.57 31.02 -4.55
CA ALA A 175 4.07 32.29 -4.06
C ALA A 175 2.80 31.99 -3.26
N TYR A 176 2.55 32.78 -2.22
CA TYR A 176 1.29 32.65 -1.50
C TYR A 176 0.43 33.88 -1.77
N LYS A 177 -0.89 33.70 -1.65
CA LYS A 177 -1.82 34.80 -1.84
C LYS A 177 -1.91 35.61 -0.56
N GLU A 178 -1.65 36.91 -0.65
CA GLU A 178 -1.79 37.83 0.48
C GLU A 178 -3.24 38.20 0.71
N SER A 179 -4.00 38.15 -0.38
CA SER A 179 -5.41 38.49 -0.38
C SER A 179 -6.01 37.92 -1.65
N ASN A 180 -7.30 38.15 -1.88
CA ASN A 180 -7.89 37.57 -3.06
C ASN A 180 -7.25 38.01 -4.38
N TYR A 181 -6.58 39.16 -4.40
CA TYR A 181 -6.03 39.68 -5.66
C TYR A 181 -4.57 40.09 -5.57
N SER A 182 -3.81 39.44 -4.69
CA SER A 182 -2.41 39.77 -4.53
C SER A 182 -1.58 38.58 -4.03
N TYR A 183 -0.39 38.42 -4.61
CA TYR A 183 0.57 37.38 -4.24
C TYR A 183 1.90 37.96 -3.75
N SER A 184 2.63 37.14 -3.00
CA SER A 184 3.96 37.48 -2.52
C SER A 184 4.88 36.28 -2.69
N LEU A 185 6.12 36.57 -3.06
CA LEU A 185 7.14 35.55 -3.21
C LEU A 185 8.47 36.11 -2.70
N SER A 186 9.24 35.27 -2.03
CA SER A 186 10.54 35.68 -1.53
C SER A 186 11.64 34.68 -1.89
N SER A 187 12.87 35.18 -1.90
CA SER A 187 14.04 34.39 -2.19
C SER A 187 15.24 34.97 -1.43
N ARG A 188 16.19 34.10 -1.15
CA ARG A 188 17.42 34.46 -0.48
C ARG A 188 18.62 34.02 -1.31
N LEU A 189 19.67 34.85 -1.32
CA LEU A 189 20.95 34.45 -1.88
C LEU A 189 21.99 34.64 -0.79
N ARG A 190 22.64 33.55 -0.41
CA ARG A 190 23.65 33.61 0.62
C ARG A 190 25.03 33.47 0.01
N VAL A 191 25.91 34.41 0.35
CA VAL A 191 27.28 34.38 -0.10
C VAL A 191 28.18 34.52 1.13
N SER A 192 29.48 34.35 0.96
CA SER A 192 30.38 34.54 2.09
C SER A 192 30.47 36.02 2.43
N ALA A 193 30.79 36.32 3.67
CA ALA A 193 31.00 37.71 4.05
C ALA A 193 32.13 38.32 3.22
N THR A 194 33.16 37.53 2.90
CA THR A 194 34.28 38.08 2.13
C THR A 194 33.85 38.45 0.70
N PHE A 195 32.96 37.66 0.10
CA PHE A 195 32.43 37.97 -1.23
C PHE A 195 31.57 39.25 -1.20
N TRP A 196 30.77 39.43 -0.15
CA TRP A 196 29.96 40.65 -0.03
C TRP A 196 30.82 41.90 0.21
N HIS A 197 31.97 41.70 0.86
CA HIS A 197 32.97 42.74 1.16
C HIS A 197 33.83 43.01 -0.06
N ASN A 198 33.18 43.40 -1.14
CA ASN A 198 33.85 43.72 -2.38
C ASN A 198 32.96 44.69 -3.16
N PRO A 199 33.33 45.96 -3.16
CA PRO A 199 32.49 46.96 -3.83
C PRO A 199 32.21 46.61 -5.28
N ARG A 200 33.07 45.81 -5.89
CA ARG A 200 32.94 45.54 -7.33
C ARG A 200 32.14 44.27 -7.69
N ASN A 201 31.62 43.57 -6.68
CA ASN A 201 30.66 42.50 -6.95
C ASN A 201 29.23 43.05 -7.09
N HIS A 202 28.57 42.66 -8.16
CA HIS A 202 27.23 43.14 -8.46
C HIS A 202 26.22 42.03 -8.28
N PHE A 203 25.09 42.35 -7.64
CA PHE A 203 24.03 41.39 -7.34
C PHE A 203 22.70 41.92 -7.89
N ARG A 204 21.95 41.06 -8.57
CA ARG A 204 20.65 41.45 -9.11
C ARG A 204 19.62 40.32 -8.94
N CYS A 205 18.47 40.68 -8.37
CA CYS A 205 17.29 39.83 -8.34
C CYS A 205 16.44 40.27 -9.51
N GLN A 206 16.19 39.33 -10.42
CA GLN A 206 15.47 39.60 -11.67
C GLN A 206 14.14 38.87 -11.65
N VAL A 207 13.06 39.61 -11.85
CA VAL A 207 11.75 38.98 -11.89
C VAL A 207 11.15 39.18 -13.28
N GLN A 208 10.50 38.13 -13.79
CA GLN A 208 9.72 38.24 -15.02
C GLN A 208 8.25 38.06 -14.67
N PHE A 209 7.43 39.01 -15.08
CA PHE A 209 5.98 38.96 -14.85
C PHE A 209 5.27 38.75 -16.18
N HIS A 210 4.42 37.73 -16.23
CA HIS A 210 3.63 37.46 -17.42
C HIS A 210 2.22 38.03 -17.25
N GLY A 211 1.94 39.06 -18.03
CA GLY A 211 0.74 39.84 -17.83
C GLY A 211 -0.20 39.83 -19.02
N LEU A 212 -0.83 40.99 -19.24
CA LEU A 212 -1.68 41.21 -20.41
C LEU A 212 -0.90 41.29 -21.73
N SER A 213 -1.58 40.98 -22.83
CA SER A 213 -0.95 40.96 -24.13
C SER A 213 -0.99 42.34 -24.80
N GLU A 214 -0.16 42.52 -25.81
CA GLU A 214 -0.13 43.75 -26.56
C GLU A 214 -1.53 44.05 -27.08
N GLU A 215 -2.27 42.98 -27.36
CA GLU A 215 -3.58 43.09 -27.98
C GLU A 215 -4.71 43.42 -26.99
N ASP A 216 -4.53 43.12 -25.71
CA ASP A 216 -5.54 43.41 -24.68
C ASP A 216 -5.83 44.92 -24.57
N LYS A 217 -7.10 45.27 -24.33
CA LYS A 217 -7.49 46.67 -24.12
C LYS A 217 -7.14 47.08 -22.70
N TRP A 218 -7.00 48.38 -22.47
CA TRP A 218 -6.72 48.88 -21.14
C TRP A 218 -7.15 50.36 -21.03
N PRO A 219 -7.97 50.69 -20.06
CA PRO A 219 -8.46 52.06 -19.87
C PRO A 219 -7.36 53.06 -19.57
N GLU A 220 -7.61 54.32 -19.93
CA GLU A 220 -6.68 55.42 -19.69
C GLU A 220 -6.51 55.68 -18.22
N GLY A 221 -5.31 56.07 -17.81
CA GLY A 221 -5.13 56.54 -16.46
C GLY A 221 -4.14 55.85 -15.59
N SER A 222 -3.65 54.71 -16.02
CA SER A 222 -2.63 53.95 -15.31
C SER A 222 -1.95 53.00 -16.29
N PRO A 223 -0.70 52.67 -16.03
CA PRO A 223 0.04 51.83 -16.98
C PRO A 223 -0.54 50.42 -17.12
N LYS A 224 -0.57 49.95 -18.36
CA LYS A 224 -1.06 48.62 -18.67
C LYS A 224 -0.11 47.55 -18.15
N PRO A 225 -0.64 46.56 -17.41
CA PRO A 225 0.19 45.53 -16.79
C PRO A 225 0.64 44.46 -17.78
N VAL A 226 1.54 44.84 -18.68
CA VAL A 226 2.01 43.95 -19.72
C VAL A 226 3.09 43.03 -19.18
N THR A 227 3.42 42.03 -19.97
CA THR A 227 4.57 41.18 -19.65
C THR A 227 5.79 42.07 -19.56
N GLN A 228 6.62 41.88 -18.55
CA GLN A 228 7.73 42.79 -18.33
C GLN A 228 8.74 42.23 -17.34
N ASN A 229 9.94 42.77 -17.41
CA ASN A 229 11.02 42.41 -16.47
C ASN A 229 11.17 43.50 -15.44
N ILE A 230 11.28 43.12 -14.17
CA ILE A 230 11.42 44.07 -13.08
C ILE A 230 12.54 43.55 -12.22
N SER A 231 13.48 44.40 -11.85
CA SER A 231 14.60 43.93 -11.02
C SER A 231 15.00 44.92 -9.93
N ALA A 232 15.82 44.42 -9.01
CA ALA A 232 16.43 45.22 -7.97
C ALA A 232 17.88 44.74 -7.87
N GLU A 233 18.77 45.65 -7.56
CA GLU A 233 20.19 45.32 -7.55
C GLU A 233 20.97 46.07 -6.47
N ALA A 234 22.14 45.53 -6.15
CA ALA A 234 23.04 46.17 -5.20
C ALA A 234 24.47 45.77 -5.54
N TRP A 235 25.41 46.62 -5.16
CA TRP A 235 26.82 46.25 -5.19
C TRP A 235 27.27 45.86 -3.79
N GLY A 236 28.34 45.08 -3.70
CA GLY A 236 28.98 44.80 -2.42
C GLY A 236 29.49 46.09 -1.80
N ARG A 237 30.00 46.00 -0.58
CA ARG A 237 30.29 47.19 0.20
C ARG A 237 31.57 47.03 0.99
N ALA A 238 32.30 48.13 1.15
CA ALA A 238 33.42 48.20 2.06
C ALA A 238 32.93 48.15 3.51
N ASP A 239 33.89 48.12 4.44
CA ASP A 239 33.56 48.09 5.85
C ASP A 239 32.68 49.28 6.23
N SER A 240 31.73 49.02 7.12
CA SER A 240 30.93 50.11 7.70
C SER A 240 30.56 49.73 9.12
N ASP B 2 -11.12 -0.03 -15.84
CA ASP B 2 -11.14 -0.98 -14.69
C ASP B 2 -10.55 -0.36 -13.42
N SER B 3 -9.25 -0.08 -13.44
CA SER B 3 -8.60 0.68 -12.39
C SER B 3 -7.34 1.33 -12.93
N GLY B 4 -6.83 2.32 -12.22
CA GLY B 4 -5.63 3.01 -12.63
C GLY B 4 -4.55 2.88 -11.57
N VAL B 5 -3.45 3.57 -11.83
CA VAL B 5 -2.34 3.65 -10.88
C VAL B 5 -2.82 4.28 -9.57
N VAL B 6 -2.38 3.71 -8.45
CA VAL B 6 -2.69 4.31 -7.15
C VAL B 6 -1.40 4.68 -6.39
N GLN B 7 -1.51 5.69 -5.54
CA GLN B 7 -0.36 6.17 -4.76
C GLN B 7 -0.74 6.40 -3.31
N SER B 8 0.25 6.41 -2.44
CA SER B 8 0.05 6.66 -1.03
C SER B 8 1.30 7.32 -0.47
N PRO B 9 1.13 8.33 0.42
CA PRO B 9 -0.12 8.93 0.86
C PRO B 9 -0.67 9.90 -0.19
N ARG B 10 -1.79 10.56 0.07
CA ARG B 10 -2.29 11.56 -0.87
C ARG B 10 -1.71 12.96 -0.52
N HIS B 11 -1.63 13.24 0.78
CA HIS B 11 -1.10 14.49 1.29
C HIS B 11 -0.15 14.13 2.40
N ILE B 12 0.99 14.82 2.49
CA ILE B 12 1.84 14.60 3.65
C ILE B 12 2.56 15.88 4.02
N ILE B 13 2.64 16.12 5.32
CA ILE B 13 3.32 17.29 5.86
C ILE B 13 4.54 16.82 6.63
N LYS B 14 5.72 17.34 6.27
CA LYS B 14 6.95 16.98 6.97
C LYS B 14 7.70 18.21 7.44
N GLU B 15 8.49 18.06 8.49
CA GLU B 15 9.35 19.13 8.93
C GLU B 15 10.68 19.07 8.16
N LYS B 16 11.32 20.23 8.03
CA LYS B 16 12.62 20.31 7.40
C LYS B 16 13.62 19.37 8.11
N GLY B 17 14.40 18.62 7.33
CA GLY B 17 15.38 17.68 7.90
C GLY B 17 14.77 16.31 8.06
N GLY B 18 13.46 16.21 7.86
CA GLY B 18 12.76 14.96 8.02
C GLY B 18 12.90 13.99 6.85
N ARG B 19 12.10 12.94 6.92
CA ARG B 19 12.18 11.82 6.01
C ARG B 19 10.80 11.24 5.78
N SER B 20 10.51 10.84 4.55
CA SER B 20 9.28 10.11 4.29
C SER B 20 9.42 9.22 3.07
N VAL B 21 8.42 8.36 2.89
CA VAL B 21 8.44 7.39 1.80
C VAL B 21 7.12 7.50 1.06
N LEU B 22 7.20 7.64 -0.25
CA LEU B 22 6.06 7.65 -1.14
C LEU B 22 5.98 6.31 -1.84
N THR B 23 4.78 5.79 -2.00
CA THR B 23 4.61 4.49 -2.64
C THR B 23 3.62 4.54 -3.79
N CYS B 24 3.86 3.70 -4.77
CA CYS B 24 3.10 3.64 -6.01
C CYS B 24 2.77 2.19 -6.34
N ILE B 25 1.51 1.92 -6.68
CA ILE B 25 1.13 0.60 -7.21
C ILE B 25 0.68 0.77 -8.66
N PRO B 26 1.43 0.17 -9.59
CA PRO B 26 1.11 0.33 -11.01
C PRO B 26 -0.15 -0.44 -11.39
N ILE B 27 -0.70 -0.12 -12.55
CA ILE B 27 -1.79 -0.92 -13.11
C ILE B 27 -1.36 -2.39 -13.17
N SER B 28 -2.30 -3.26 -12.85
CA SER B 28 -2.03 -4.68 -12.84
C SER B 28 -1.45 -5.17 -14.15
N GLY B 29 -0.25 -5.76 -14.10
CA GLY B 29 0.42 -6.26 -15.28
C GLY B 29 1.50 -5.32 -15.79
N HIS B 30 1.48 -4.06 -15.38
CA HIS B 30 2.50 -3.11 -15.80
C HIS B 30 3.81 -3.35 -15.03
N SER B 31 4.94 -3.26 -15.73
CA SER B 31 6.24 -3.56 -15.13
C SER B 31 7.23 -2.38 -15.21
N ASN B 32 6.77 -1.27 -15.79
CA ASN B 32 7.60 -0.08 -15.94
C ASN B 32 6.99 1.07 -15.15
N VAL B 33 7.77 1.65 -14.23
CA VAL B 33 7.28 2.69 -13.34
C VAL B 33 8.21 3.90 -13.33
N VAL B 34 7.61 5.07 -13.50
CA VAL B 34 8.32 6.33 -13.63
C VAL B 34 7.85 7.29 -12.55
N TRP B 35 8.76 8.14 -12.07
CA TRP B 35 8.38 9.17 -11.10
C TRP B 35 8.66 10.54 -11.71
N TYR B 36 7.74 11.47 -11.46
CA TYR B 36 7.91 12.87 -11.80
C TYR B 36 7.74 13.76 -10.57
N GLN B 37 8.43 14.90 -10.60
CA GLN B 37 8.29 15.95 -9.62
C GLN B 37 7.70 17.16 -10.31
N GLN B 38 6.79 17.84 -9.63
CA GLN B 38 6.18 19.04 -10.17
C GLN B 38 5.96 20.08 -9.09
N THR B 39 6.72 21.16 -9.20
CA THR B 39 6.51 22.35 -8.40
C THR B 39 5.12 22.88 -8.78
N LEU B 40 4.32 23.27 -7.81
CA LEU B 40 2.93 23.62 -8.12
C LEU B 40 2.85 24.69 -9.20
N GLY B 41 2.05 24.40 -10.23
CA GLY B 41 1.83 25.33 -11.32
C GLY B 41 2.89 25.28 -12.41
N LYS B 42 3.86 24.39 -12.28
CA LYS B 42 4.96 24.36 -13.23
C LYS B 42 5.01 23.04 -14.02
N GLU B 43 6.07 22.84 -14.78
CA GLU B 43 6.16 21.67 -15.65
C GLU B 43 6.49 20.38 -14.89
N LEU B 44 6.21 19.24 -15.51
CA LEU B 44 6.62 17.97 -14.95
C LEU B 44 8.12 17.79 -15.12
N LYS B 45 8.77 17.29 -14.07
CA LYS B 45 10.19 17.03 -14.13
C LYS B 45 10.42 15.55 -13.96
N PHE B 46 10.94 14.89 -15.00
CA PHE B 46 11.28 13.47 -14.93
C PHE B 46 12.34 13.19 -13.86
N LEU B 47 12.05 12.26 -12.96
CA LEU B 47 13.01 11.89 -11.92
C LEU B 47 13.75 10.59 -12.25
N ILE B 48 13.01 9.51 -12.45
CA ILE B 48 13.65 8.20 -12.63
C ILE B 48 12.65 7.19 -13.16
N GLN B 49 13.17 6.11 -13.73
CA GLN B 49 12.37 5.08 -14.35
C GLN B 49 12.96 3.72 -14.06
N HIS B 50 12.11 2.77 -13.67
CA HIS B 50 12.52 1.38 -13.44
C HIS B 50 11.64 0.44 -14.25
N TYR B 51 12.28 -0.53 -14.89
CA TYR B 51 11.60 -1.57 -15.65
C TYR B 51 12.16 -2.92 -15.24
N GLU B 52 11.28 -3.79 -14.75
CA GLU B 52 11.70 -5.06 -14.18
C GLU B 52 12.81 -4.85 -13.14
N LYS B 53 12.60 -3.83 -12.31
CA LYS B 53 13.45 -3.49 -11.15
C LYS B 53 14.71 -2.73 -11.53
N VAL B 54 15.04 -2.75 -12.81
CA VAL B 54 16.26 -2.10 -13.30
C VAL B 54 16.05 -0.64 -13.66
N GLU B 55 16.92 0.21 -13.12
CA GLU B 55 16.92 1.62 -13.44
C GLU B 55 17.29 1.78 -14.91
N ARG B 56 16.43 2.41 -15.69
CA ARG B 56 16.66 2.49 -17.14
C ARG B 56 17.10 3.88 -17.57
N ASP B 57 16.65 4.89 -16.84
CA ASP B 57 16.89 6.26 -17.21
C ASP B 57 16.71 7.07 -15.93
N LYS B 58 17.45 8.17 -15.81
CA LYS B 58 17.31 9.01 -14.64
C LYS B 58 17.43 10.48 -14.99
N GLY B 59 16.57 11.30 -14.37
CA GLY B 59 16.59 12.73 -14.56
C GLY B 59 17.35 13.40 -13.42
N PHE B 60 16.77 14.47 -12.87
CA PHE B 60 17.44 15.20 -11.80
C PHE B 60 16.90 14.74 -10.46
N LEU B 61 17.04 13.45 -10.20
CA LEU B 61 16.74 12.87 -8.89
C LEU B 61 17.82 13.28 -7.91
N PRO B 62 17.47 14.06 -6.88
CA PRO B 62 18.47 14.49 -5.90
C PRO B 62 19.08 13.30 -5.18
N SER B 63 20.33 13.41 -4.76
CA SER B 63 21.00 12.32 -4.05
C SER B 63 20.30 11.98 -2.73
N ARG B 64 19.51 12.91 -2.20
CA ARG B 64 18.78 12.67 -0.96
C ARG B 64 17.60 11.73 -1.16
N PHE B 65 17.23 11.49 -2.42
CA PHE B 65 16.08 10.65 -2.76
C PHE B 65 16.60 9.37 -3.35
N SER B 66 15.97 8.26 -3.02
CA SER B 66 16.30 7.00 -3.68
C SER B 66 15.00 6.27 -4.00
N VAL B 67 14.99 5.57 -5.12
CA VAL B 67 13.80 4.87 -5.54
C VAL B 67 14.13 3.41 -5.76
N GLN B 68 13.20 2.53 -5.36
CA GLN B 68 13.33 1.11 -5.53
C GLN B 68 12.01 0.52 -6.08
N GLN B 69 12.13 -0.42 -7.02
CA GLN B 69 10.99 -1.18 -7.50
C GLN B 69 11.11 -2.64 -7.05
N PHE B 70 9.98 -3.20 -6.61
CA PHE B 70 9.96 -4.50 -5.99
C PHE B 70 9.47 -5.60 -6.93
N ASP B 71 9.46 -6.84 -6.41
CA ASP B 71 9.04 -8.01 -7.18
C ASP B 71 7.67 -7.85 -7.82
N ASP B 72 6.75 -7.23 -7.09
CA ASP B 72 5.39 -7.01 -7.60
C ASP B 72 5.27 -5.75 -8.43
N TYR B 73 6.41 -5.13 -8.71
CA TYR B 73 6.52 -3.97 -9.59
C TYR B 73 6.08 -2.64 -8.97
N HIS B 74 5.63 -2.67 -7.73
CA HIS B 74 5.33 -1.42 -7.06
C HIS B 74 6.66 -0.74 -6.75
N SER B 75 6.60 0.57 -6.57
CA SER B 75 7.77 1.40 -6.44
C SER B 75 7.64 2.31 -5.21
N GLU B 76 8.78 2.57 -4.57
CA GLU B 76 8.84 3.45 -3.41
C GLU B 76 9.97 4.44 -3.58
N MET B 77 9.66 5.71 -3.31
CA MET B 77 10.66 6.76 -3.21
C MET B 77 10.91 7.15 -1.76
N ASN B 78 12.15 6.95 -1.32
CA ASN B 78 12.57 7.30 0.02
C ASN B 78 13.20 8.68 -0.05
N MET B 79 12.62 9.64 0.66
CA MET B 79 13.08 11.01 0.62
C MET B 79 13.66 11.36 1.99
N SER B 80 14.93 11.75 2.04
CA SER B 80 15.58 12.07 3.31
C SER B 80 16.08 13.51 3.35
N ALA B 81 16.40 13.99 4.55
CA ALA B 81 16.97 15.34 4.73
C ALA B 81 16.15 16.38 3.95
N LEU B 82 14.84 16.35 4.14
CA LEU B 82 13.92 17.16 3.37
C LEU B 82 14.20 18.64 3.49
N GLU B 83 14.01 19.34 2.36
CA GLU B 83 14.18 20.77 2.30
C GLU B 83 12.86 21.44 1.92
N LEU B 84 12.74 22.74 2.18
CA LEU B 84 11.52 23.46 1.84
C LEU B 84 11.25 23.34 0.34
N GLU B 85 12.34 23.33 -0.44
CA GLU B 85 12.27 23.25 -1.92
C GLU B 85 11.67 21.94 -2.41
N ASP B 86 11.58 20.96 -1.53
CA ASP B 86 11.04 19.66 -1.91
C ASP B 86 9.51 19.68 -1.94
N SER B 87 8.91 20.73 -1.40
CA SER B 87 7.44 20.88 -1.44
C SER B 87 7.01 20.89 -2.90
N ALA B 88 6.20 19.89 -3.26
CA ALA B 88 5.82 19.66 -4.65
C ALA B 88 4.80 18.54 -4.72
N MET B 89 4.30 18.32 -5.94
CA MET B 89 3.54 17.12 -6.26
C MET B 89 4.47 16.08 -6.83
N TYR B 90 4.31 14.83 -6.39
CA TYR B 90 5.10 13.71 -6.90
C TYR B 90 4.17 12.71 -7.56
N PHE B 91 4.30 12.56 -8.88
CA PHE B 91 3.48 11.64 -9.64
C PHE B 91 4.27 10.39 -10.01
N CYS B 92 3.61 9.25 -9.91
CA CYS B 92 4.16 8.04 -10.50
C CYS B 92 3.26 7.69 -11.68
N ALA B 93 3.85 7.04 -12.68
CA ALA B 93 3.12 6.62 -13.85
C ALA B 93 3.64 5.26 -14.25
N SER B 94 2.76 4.39 -14.74
CA SER B 94 3.20 3.07 -15.16
C SER B 94 2.87 2.79 -16.61
N SER B 95 3.61 1.86 -17.19
CA SER B 95 3.35 1.38 -18.54
C SER B 95 3.61 -0.13 -18.58
N LEU B 96 3.02 -0.81 -19.54
CA LEU B 96 3.14 -2.26 -19.64
C LEU B 96 4.61 -2.65 -19.64
N ARG B 97 5.33 -2.08 -20.59
CA ARG B 97 6.77 -2.24 -20.70
C ARG B 97 7.41 -0.89 -20.94
N TRP B 98 8.73 -0.84 -20.78
CA TRP B 98 9.54 0.29 -21.21
C TRP B 98 9.25 0.59 -22.69
N GLY B 99 9.00 1.87 -22.99
CA GLY B 99 8.71 2.32 -24.36
C GLY B 99 7.23 2.43 -24.68
N ASP B 100 6.40 2.03 -23.73
CA ASP B 100 4.95 2.06 -23.91
C ASP B 100 4.31 3.30 -23.23
N GLU B 101 3.07 3.60 -23.62
CA GLU B 101 2.28 4.69 -23.04
C GLU B 101 2.18 4.62 -21.53
N GLN B 102 2.35 5.78 -20.88
CA GLN B 102 2.32 5.88 -19.42
C GLN B 102 0.91 6.28 -18.93
N TYR B 103 0.50 5.66 -17.84
CA TYR B 103 -0.76 5.94 -17.15
C TYR B 103 -0.43 6.57 -15.81
N PHE B 104 -1.06 7.68 -15.48
CA PHE B 104 -0.65 8.45 -14.29
C PHE B 104 -1.42 8.13 -13.00
N GLY B 105 -0.69 8.07 -11.90
CA GLY B 105 -1.26 8.11 -10.57
C GLY B 105 -1.82 9.48 -10.24
N PRO B 106 -2.52 9.58 -9.10
CA PRO B 106 -3.20 10.82 -8.68
C PRO B 106 -2.22 11.86 -8.13
N GLY B 107 -1.01 11.44 -7.81
CA GLY B 107 -0.01 12.30 -7.19
C GLY B 107 -0.08 12.31 -5.68
N THR B 108 1.09 12.53 -5.07
CA THR B 108 1.22 12.79 -3.64
C THR B 108 1.68 14.25 -3.46
N ARG B 109 0.95 15.01 -2.68
CA ARG B 109 1.35 16.37 -2.37
C ARG B 109 2.16 16.39 -1.08
N LEU B 110 3.42 16.81 -1.20
CA LEU B 110 4.30 16.98 -0.04
C LEU B 110 4.49 18.46 0.29
N THR B 111 4.29 18.79 1.56
CA THR B 111 4.56 20.12 2.05
C THR B 111 5.60 19.99 3.15
N VAL B 112 6.73 20.68 2.99
CA VAL B 112 7.78 20.70 3.99
C VAL B 112 7.79 22.05 4.69
N LEU B 113 7.73 22.03 6.02
CA LEU B 113 7.65 23.24 6.82
C LEU B 113 8.87 23.32 7.74
N GLU B 114 9.20 24.52 8.16
CA GLU B 114 10.31 24.71 9.11
C GLU B 114 9.96 24.18 10.52
N ASP B 115 8.69 24.28 10.90
CA ASP B 115 8.25 23.90 12.25
C ASP B 115 6.80 23.39 12.20
N LEU B 116 6.59 22.12 12.54
CA LEU B 116 5.24 21.54 12.58
C LEU B 116 4.36 22.16 13.67
N ARG B 117 4.93 22.96 14.55
CA ARG B 117 4.12 23.50 15.64
C ARG B 117 3.08 24.51 15.18
N ASN B 118 3.21 24.99 13.95
CA ASN B 118 2.25 25.94 13.40
C ASN B 118 1.06 25.27 12.71
N VAL B 119 1.14 23.96 12.52
CA VAL B 119 0.05 23.27 11.84
C VAL B 119 -1.20 23.33 12.72
N THR B 120 -2.33 23.65 12.11
CA THR B 120 -3.58 23.83 12.84
C THR B 120 -4.81 23.73 11.92
N PRO B 121 -5.88 23.08 12.41
CA PRO B 121 -7.06 22.86 11.57
C PRO B 121 -7.93 24.10 11.48
N PRO B 122 -8.85 24.12 10.52
CA PRO B 122 -9.73 25.28 10.35
C PRO B 122 -10.88 25.33 11.34
N LYS B 123 -11.33 26.54 11.63
CA LYS B 123 -12.64 26.76 12.20
C LYS B 123 -13.56 27.11 11.05
N VAL B 124 -14.78 26.59 11.09
CA VAL B 124 -15.71 26.71 9.98
C VAL B 124 -17.03 27.32 10.46
N SER B 125 -17.48 28.39 9.80
CA SER B 125 -18.70 29.07 10.18
C SER B 125 -19.62 29.16 8.97
N LEU B 126 -20.89 28.82 9.17
CA LEU B 126 -21.90 28.98 8.13
C LEU B 126 -22.79 30.19 8.44
N PHE B 127 -23.02 31.04 7.44
CA PHE B 127 -23.81 32.25 7.64
C PHE B 127 -25.07 32.14 6.82
N GLU B 128 -26.22 32.29 7.47
CA GLU B 128 -27.49 32.23 6.77
C GLU B 128 -27.66 33.48 5.91
N PRO B 129 -28.54 33.41 4.90
CA PRO B 129 -28.80 34.57 4.02
C PRO B 129 -29.31 35.81 4.76
N SER B 130 -28.92 36.97 4.25
CA SER B 130 -29.40 38.23 4.77
C SER B 130 -30.83 38.52 4.31
N LYS B 131 -31.59 39.14 5.21
CA LYS B 131 -32.96 39.55 4.92
C LYS B 131 -32.99 40.41 3.65
N ALA B 132 -32.02 41.31 3.55
CA ALA B 132 -31.95 42.21 2.41
C ALA B 132 -31.77 41.45 1.08
N GLU B 133 -30.93 40.41 1.06
CA GLU B 133 -30.71 39.68 -0.18
C GLU B 133 -32.00 39.04 -0.64
N ILE B 134 -32.70 38.40 0.29
CA ILE B 134 -33.89 37.65 -0.01
C ILE B 134 -35.02 38.55 -0.48
N ALA B 135 -35.14 39.72 0.13
CA ALA B 135 -36.23 40.62 -0.18
C ALA B 135 -36.03 41.21 -1.57
N ASN B 136 -34.78 41.35 -1.98
CA ASN B 136 -34.43 42.15 -3.13
C ASN B 136 -34.19 41.36 -4.43
N LYS B 137 -33.84 40.08 -4.29
CA LYS B 137 -33.46 39.26 -5.45
C LYS B 137 -34.18 37.89 -5.49
N GLN B 138 -34.84 37.53 -4.40
CA GLN B 138 -35.51 36.23 -4.32
C GLN B 138 -34.51 35.08 -4.50
N LYS B 139 -33.25 35.36 -4.21
CA LYS B 139 -32.25 34.32 -4.03
C LYS B 139 -31.77 34.38 -2.58
N ALA B 140 -31.14 33.30 -2.16
CA ALA B 140 -30.65 33.18 -0.81
C ALA B 140 -29.29 32.53 -0.87
N THR B 141 -28.28 33.26 -0.38
CA THR B 141 -26.91 32.82 -0.43
C THR B 141 -26.42 32.52 0.98
N LEU B 142 -25.94 31.31 1.17
CA LEU B 142 -25.28 30.92 2.38
C LEU B 142 -23.76 31.09 2.17
N VAL B 143 -23.11 31.64 3.18
CA VAL B 143 -21.67 31.81 3.13
C VAL B 143 -21.00 30.86 4.10
N CYS B 144 -20.00 30.15 3.60
CA CYS B 144 -19.18 29.31 4.45
C CYS B 144 -17.76 29.91 4.53
N LEU B 145 -17.29 30.12 5.76
CA LEU B 145 -15.96 30.67 5.99
C LEU B 145 -15.14 29.67 6.78
N ALA B 146 -14.05 29.22 6.17
CA ALA B 146 -13.12 28.33 6.84
C ALA B 146 -11.83 29.10 7.01
N ARG B 147 -11.34 29.21 8.22
CA ARG B 147 -10.18 30.06 8.47
C ARG B 147 -9.41 29.59 9.67
N GLY B 148 -8.25 30.18 9.87
CA GLY B 148 -7.41 29.88 11.02
C GLY B 148 -6.60 28.63 10.80
N PHE B 149 -6.49 28.18 9.55
CA PHE B 149 -5.82 26.90 9.28
C PHE B 149 -4.43 27.06 8.63
N PHE B 150 -3.60 26.04 8.83
CA PHE B 150 -2.25 26.01 8.28
C PHE B 150 -1.73 24.57 8.29
N PRO B 151 -1.08 24.12 7.21
CA PRO B 151 -0.89 24.86 5.97
C PRO B 151 -2.17 24.80 5.15
N ASP B 152 -2.11 25.11 3.87
CA ASP B 152 -3.32 25.25 3.09
C ASP B 152 -3.68 23.93 2.36
N HIS B 153 -4.08 22.93 3.12
CA HIS B 153 -4.52 21.68 2.52
C HIS B 153 -5.93 21.43 3.00
N VAL B 154 -6.91 22.08 2.37
CA VAL B 154 -8.30 21.84 2.72
C VAL B 154 -9.11 21.55 1.46
N GLU B 155 -10.23 20.85 1.65
CA GLU B 155 -11.16 20.57 0.57
C GLU B 155 -12.54 20.86 1.11
N LEU B 156 -13.25 21.77 0.46
CA LEU B 156 -14.52 22.26 0.96
C LEU B 156 -15.62 21.79 0.01
N SER B 157 -16.71 21.28 0.60
CA SER B 157 -17.82 20.77 -0.19
C SER B 157 -19.14 21.12 0.48
N TRP B 158 -20.19 21.17 -0.34
CA TRP B 158 -21.52 21.49 0.14
C TRP B 158 -22.47 20.31 -0.02
N TRP B 159 -23.29 20.13 1.02
CA TRP B 159 -24.24 19.05 1.09
C TRP B 159 -25.61 19.57 1.46
N VAL B 160 -26.59 19.24 0.62
CA VAL B 160 -27.98 19.64 0.83
C VAL B 160 -28.83 18.40 0.93
N ASN B 161 -29.51 18.28 2.06
CA ASN B 161 -30.30 17.10 2.37
C ASN B 161 -29.47 15.82 2.18
N GLY B 162 -28.21 15.90 2.58
CA GLY B 162 -27.35 14.72 2.62
C GLY B 162 -26.68 14.39 1.31
N LYS B 163 -26.85 15.25 0.31
CA LYS B 163 -26.29 14.95 -1.01
C LYS B 163 -25.41 16.10 -1.47
N GLU B 164 -24.30 15.77 -2.12
CA GLU B 164 -23.37 16.81 -2.54
C GLU B 164 -23.97 17.61 -3.69
N VAL B 165 -23.80 18.92 -3.64
CA VAL B 165 -24.26 19.81 -4.70
C VAL B 165 -23.11 20.63 -5.29
N HIS B 166 -23.33 21.07 -6.54
CA HIS B 166 -22.39 21.89 -7.28
C HIS B 166 -23.07 23.09 -7.91
N SER B 167 -24.31 22.90 -8.34
CA SER B 167 -25.09 23.99 -8.88
C SER B 167 -25.23 25.09 -7.81
N GLY B 168 -24.91 26.32 -8.20
CA GLY B 168 -25.04 27.46 -7.28
C GLY B 168 -23.89 27.61 -6.30
N VAL B 169 -22.87 26.74 -6.43
CA VAL B 169 -21.71 26.82 -5.57
C VAL B 169 -20.62 27.67 -6.22
N SER B 170 -20.04 28.57 -5.44
CA SER B 170 -18.92 29.39 -5.88
C SER B 170 -17.89 29.42 -4.76
N THR B 171 -16.79 28.70 -4.95
CA THR B 171 -15.74 28.62 -3.94
C THR B 171 -14.52 29.42 -4.39
N ASP B 172 -13.91 30.18 -3.48
CA ASP B 172 -12.65 30.88 -3.82
C ASP B 172 -11.67 29.87 -4.39
N PRO B 173 -11.03 30.22 -5.52
CA PRO B 173 -10.10 29.29 -6.17
C PRO B 173 -8.89 28.90 -5.30
N GLN B 174 -8.47 29.76 -4.37
CA GLN B 174 -7.27 29.48 -3.57
C GLN B 174 -7.36 30.24 -2.25
N ALA B 175 -7.06 29.58 -1.14
CA ALA B 175 -7.04 30.22 0.17
C ALA B 175 -5.99 31.32 0.18
N TYR B 176 -6.21 32.36 0.97
CA TYR B 176 -5.18 33.37 1.11
C TYR B 176 -4.78 33.47 2.58
N LYS B 177 -3.61 34.04 2.80
CA LYS B 177 -3.10 34.19 4.15
C LYS B 177 -3.74 35.39 4.83
N GLU B 178 -4.28 35.18 6.03
CA GLU B 178 -4.83 36.26 6.85
C GLU B 178 -3.77 36.74 7.84
N SER B 179 -2.77 35.88 8.08
CA SER B 179 -1.55 36.22 8.82
C SER B 179 -0.49 35.17 8.49
N ASN B 180 0.65 35.24 9.17
CA ASN B 180 1.81 34.46 8.79
C ASN B 180 1.55 32.94 8.76
N TYR B 181 0.74 32.46 9.69
CA TYR B 181 0.52 31.02 9.81
C TYR B 181 -0.96 30.71 9.86
N SER B 182 -1.73 31.41 9.04
CA SER B 182 -3.17 31.27 9.05
C SER B 182 -3.80 31.62 7.70
N TYR B 183 -4.58 30.70 7.18
CA TYR B 183 -5.23 30.87 5.90
C TYR B 183 -6.73 31.08 6.07
N SER B 184 -7.34 31.64 5.04
CA SER B 184 -8.79 31.85 4.97
C SER B 184 -9.30 31.43 3.58
N LEU B 185 -10.46 30.77 3.57
CA LEU B 185 -11.11 30.35 2.34
C LEU B 185 -12.63 30.51 2.51
N SER B 186 -13.28 31.11 1.54
CA SER B 186 -14.73 31.27 1.56
C SER B 186 -15.40 30.58 0.39
N SER B 187 -16.65 30.19 0.60
CA SER B 187 -17.49 29.62 -0.44
C SER B 187 -18.91 30.12 -0.25
N ARG B 188 -19.65 30.16 -1.35
CA ARG B 188 -21.06 30.52 -1.32
C ARG B 188 -21.91 29.47 -2.01
N LEU B 189 -23.07 29.17 -1.43
CA LEU B 189 -24.07 28.35 -2.06
C LEU B 189 -25.32 29.19 -2.22
N ARG B 190 -25.73 29.41 -3.46
CA ARG B 190 -26.92 30.21 -3.73
C ARG B 190 -28.07 29.31 -4.12
N VAL B 191 -29.20 29.48 -3.43
CA VAL B 191 -30.42 28.73 -3.73
C VAL B 191 -31.56 29.73 -3.93
N SER B 192 -32.73 29.25 -4.33
CA SER B 192 -33.90 30.12 -4.43
C SER B 192 -34.41 30.49 -3.04
N ALA B 193 -35.06 31.63 -2.93
CA ALA B 193 -35.63 32.07 -1.66
C ALA B 193 -36.61 31.01 -1.18
N THR B 194 -37.40 30.46 -2.09
CA THR B 194 -38.36 29.41 -1.75
C THR B 194 -37.72 28.16 -1.16
N PHE B 195 -36.58 27.77 -1.70
CA PHE B 195 -35.89 26.58 -1.21
C PHE B 195 -35.35 26.85 0.19
N TRP B 196 -34.81 28.04 0.40
CA TRP B 196 -34.29 28.41 1.72
C TRP B 196 -35.45 28.53 2.76
N HIS B 197 -36.62 28.95 2.32
CA HIS B 197 -37.73 29.16 3.29
C HIS B 197 -38.43 27.88 3.76
N ASN B 198 -37.92 26.74 3.35
CA ASN B 198 -38.46 25.46 3.78
C ASN B 198 -37.65 24.94 4.96
N PRO B 199 -38.26 24.94 6.16
CA PRO B 199 -37.58 24.55 7.39
C PRO B 199 -37.00 23.14 7.33
N ARG B 200 -37.53 22.32 6.43
CA ARG B 200 -37.12 20.93 6.33
C ARG B 200 -35.90 20.71 5.43
N ASN B 201 -35.41 21.74 4.74
CA ASN B 201 -34.15 21.60 3.98
C ASN B 201 -32.95 21.79 4.88
N HIS B 202 -31.97 20.89 4.75
CA HIS B 202 -30.75 20.90 5.55
C HIS B 202 -29.54 21.22 4.69
N PHE B 203 -28.68 22.08 5.22
CA PHE B 203 -27.47 22.55 4.54
C PHE B 203 -26.23 22.32 5.41
N ARG B 204 -25.16 21.82 4.80
CA ARG B 204 -23.91 21.60 5.50
C ARG B 204 -22.77 22.01 4.59
N CYS B 205 -21.87 22.81 5.14
CA CYS B 205 -20.59 23.10 4.52
C CYS B 205 -19.57 22.20 5.20
N GLN B 206 -18.94 21.34 4.41
CA GLN B 206 -18.01 20.34 4.92
C GLN B 206 -16.59 20.66 4.46
N VAL B 207 -15.65 20.69 5.40
CA VAL B 207 -14.25 20.88 5.08
C VAL B 207 -13.45 19.70 5.58
N GLN B 208 -12.57 19.20 4.73
CA GLN B 208 -11.59 18.20 5.15
C GLN B 208 -10.24 18.88 5.23
N PHE B 209 -9.58 18.76 6.37
CA PHE B 209 -8.24 19.31 6.57
C PHE B 209 -7.22 18.17 6.58
N HIS B 210 -6.17 18.32 5.78
CA HIS B 210 -5.10 17.35 5.78
C HIS B 210 -3.97 17.87 6.66
N GLY B 211 -3.71 17.16 7.74
CA GLY B 211 -2.72 17.59 8.69
C GLY B 211 -1.66 16.55 8.97
N LEU B 212 -1.31 16.48 10.24
CA LEU B 212 -0.31 15.55 10.69
C LEU B 212 -0.94 14.17 10.80
N SER B 213 -0.11 13.14 10.85
CA SER B 213 -0.64 11.80 10.94
C SER B 213 -0.45 11.28 12.37
N GLU B 214 -1.18 10.22 12.71
CA GLU B 214 -0.98 9.50 13.98
C GLU B 214 0.48 9.37 14.34
N GLU B 215 1.32 9.21 13.32
CA GLU B 215 2.73 8.93 13.52
C GLU B 215 3.50 10.09 14.15
N ASP B 216 3.11 11.30 13.78
CA ASP B 216 3.88 12.50 14.13
C ASP B 216 3.87 12.77 15.61
N LYS B 217 5.01 13.20 16.14
CA LYS B 217 5.14 13.56 17.53
C LYS B 217 4.48 14.90 17.79
N TRP B 218 3.82 15.00 18.94
CA TRP B 218 3.17 16.23 19.33
C TRP B 218 3.29 16.43 20.84
N PRO B 219 3.83 17.59 21.24
CA PRO B 219 4.06 17.78 22.67
C PRO B 219 2.76 17.96 23.44
N GLU B 220 2.75 17.52 24.69
CA GLU B 220 1.58 17.69 25.56
C GLU B 220 1.13 19.14 25.53
N GLY B 221 -0.16 19.37 25.79
CA GLY B 221 -0.68 20.72 25.93
C GLY B 221 -1.91 21.00 25.09
N SER B 222 -1.77 20.78 23.78
CA SER B 222 -2.86 21.07 22.86
C SER B 222 -3.13 19.86 21.97
N PRO B 223 -4.34 19.79 21.41
CA PRO B 223 -4.66 18.64 20.58
C PRO B 223 -3.79 18.59 19.33
N LYS B 224 -3.38 17.39 18.93
CA LYS B 224 -2.55 17.22 17.75
C LYS B 224 -3.37 17.53 16.49
N PRO B 225 -2.85 18.40 15.60
CA PRO B 225 -3.61 18.81 14.42
C PRO B 225 -3.58 17.77 13.30
N VAL B 226 -4.27 16.65 13.53
CA VAL B 226 -4.31 15.58 12.55
C VAL B 226 -5.32 15.89 11.44
N THR B 227 -5.26 15.06 10.39
CA THR B 227 -6.25 15.08 9.35
C THR B 227 -7.62 14.87 9.98
N GLN B 228 -8.59 15.69 9.59
CA GLN B 228 -9.89 15.71 10.25
C GLN B 228 -10.93 16.46 9.45
N ASN B 229 -12.20 16.19 9.78
CA ASN B 229 -13.31 16.87 9.18
C ASN B 229 -13.81 17.94 10.12
N ILE B 230 -14.18 19.09 9.56
CA ILE B 230 -14.81 20.17 10.31
C ILE B 230 -15.98 20.68 9.47
N SER B 231 -17.15 20.84 10.07
CA SER B 231 -18.29 21.33 9.29
C SER B 231 -19.19 22.29 10.07
N ALA B 232 -20.04 23.01 9.34
CA ALA B 232 -21.10 23.82 9.91
C ALA B 232 -22.39 23.54 9.16
N GLU B 233 -23.51 23.63 9.85
CA GLU B 233 -24.79 23.27 9.23
C GLU B 233 -25.87 24.28 9.63
N ALA B 234 -26.94 24.32 8.85
CA ALA B 234 -28.12 25.11 9.19
C ALA B 234 -29.33 24.48 8.51
N TRP B 235 -30.51 24.76 9.03
CA TRP B 235 -31.73 24.33 8.36
C TRP B 235 -32.36 25.56 7.73
N GLY B 236 -33.27 25.35 6.77
CA GLY B 236 -34.06 26.44 6.23
C GLY B 236 -34.92 27.08 7.31
N ARG B 237 -35.56 28.19 6.95
CA ARG B 237 -36.27 29.00 7.92
C ARG B 237 -37.48 29.64 7.25
N ALA B 238 -38.67 29.41 7.78
CA ALA B 238 -39.89 30.00 7.24
C ALA B 238 -39.80 31.52 7.29
N ASP B 239 -40.68 32.21 6.56
CA ASP B 239 -40.86 33.64 6.79
C ASP B 239 -41.42 33.83 8.20
N ASP C 2 -19.61 -21.77 26.73
CA ASP C 2 -19.26 -21.71 28.18
C ASP C 2 -17.81 -21.20 28.36
N SER C 3 -16.86 -22.12 28.41
CA SER C 3 -15.45 -21.74 28.20
C SER C 3 -14.71 -22.95 27.68
N GLY C 4 -13.57 -22.70 27.05
CA GLY C 4 -12.80 -23.76 26.43
C GLY C 4 -11.39 -23.74 26.95
N VAL C 5 -10.56 -24.61 26.41
CA VAL C 5 -9.16 -24.66 26.73
C VAL C 5 -8.47 -23.38 26.31
N VAL C 6 -7.56 -22.91 27.14
CA VAL C 6 -6.75 -21.76 26.76
C VAL C 6 -5.27 -22.10 26.83
N GLN C 7 -4.48 -21.41 26.01
CA GLN C 7 -3.06 -21.67 25.92
C GLN C 7 -2.28 -20.36 25.91
N SER C 8 -1.03 -20.43 26.34
CA SER C 8 -0.14 -19.29 26.32
C SER C 8 1.26 -19.78 25.98
N PRO C 9 2.01 -19.03 25.15
CA PRO C 9 1.57 -17.84 24.42
C PRO C 9 0.81 -18.25 23.16
N ARG C 10 0.36 -17.28 22.36
CA ARG C 10 -0.32 -17.62 21.10
C ARG C 10 0.66 -17.70 19.93
N HIS C 11 1.60 -16.74 19.90
CA HIS C 11 2.73 -16.76 18.97
C HIS C 11 4.03 -16.59 19.76
N ILE C 12 5.06 -17.33 19.39
CA ILE C 12 6.36 -17.14 20.03
C ILE C 12 7.48 -17.35 19.00
N ILE C 13 8.47 -16.46 19.06
CA ILE C 13 9.64 -16.54 18.20
C ILE C 13 10.85 -16.79 19.08
N LYS C 14 11.61 -17.82 18.74
CA LYS C 14 12.82 -18.15 19.50
C LYS C 14 13.99 -18.35 18.57
N GLU C 15 15.19 -18.17 19.10
CA GLU C 15 16.41 -18.44 18.34
C GLU C 15 16.80 -19.92 18.49
N LYS C 16 17.48 -20.45 17.48
CA LYS C 16 18.01 -21.78 17.53
C LYS C 16 18.89 -21.92 18.77
N GLY C 17 18.74 -23.03 19.49
CA GLY C 17 19.52 -23.28 20.70
C GLY C 17 18.84 -22.74 21.94
N GLY C 18 17.78 -21.96 21.73
CA GLY C 18 17.06 -21.33 22.84
C GLY C 18 16.09 -22.26 23.53
N ARG C 19 15.25 -21.68 24.39
CA ARG C 19 14.34 -22.46 25.18
C ARG C 19 13.01 -21.74 25.30
N SER C 20 11.94 -22.52 25.31
CA SER C 20 10.60 -21.97 25.40
C SER C 20 9.69 -22.83 26.28
N VAL C 21 8.77 -22.19 27.00
CA VAL C 21 7.79 -22.91 27.81
C VAL C 21 6.39 -22.61 27.28
N LEU C 22 5.65 -23.63 26.89
CA LEU C 22 4.27 -23.46 26.46
C LEU C 22 3.33 -23.96 27.55
N THR C 23 2.24 -23.26 27.79
CA THR C 23 1.36 -23.59 28.90
C THR C 23 -0.10 -23.75 28.44
N CYS C 24 -0.81 -24.64 29.13
CA CYS C 24 -2.19 -24.97 28.79
C CYS C 24 -3.06 -25.04 30.04
N ILE C 25 -4.22 -24.37 30.02
CA ILE C 25 -5.20 -24.48 31.09
C ILE C 25 -6.42 -25.20 30.56
N PRO C 26 -6.75 -26.37 31.15
CA PRO C 26 -7.87 -27.16 30.67
C PRO C 26 -9.19 -26.52 31.05
N ILE C 27 -10.26 -26.98 30.42
CA ILE C 27 -11.60 -26.65 30.84
C ILE C 27 -11.76 -26.96 32.33
N SER C 28 -12.35 -26.03 33.06
CA SER C 28 -12.51 -26.19 34.51
C SER C 28 -13.14 -27.54 34.86
N GLY C 29 -12.45 -28.33 35.68
CA GLY C 29 -12.97 -29.63 36.11
C GLY C 29 -12.34 -30.79 35.36
N HIS C 30 -11.67 -30.50 34.24
CA HIS C 30 -10.98 -31.53 33.46
C HIS C 30 -9.61 -31.81 34.06
N SER C 31 -9.25 -33.09 34.13
CA SER C 31 -7.99 -33.49 34.73
C SER C 31 -7.09 -34.28 33.76
N ASN C 32 -7.53 -34.45 32.53
CA ASN C 32 -6.74 -35.16 31.52
C ASN C 32 -6.31 -34.19 30.45
N VAL C 33 -5.00 -34.09 30.21
CA VAL C 33 -4.47 -33.11 29.26
C VAL C 33 -3.48 -33.76 28.30
N VAL C 34 -3.68 -33.51 27.00
CA VAL C 34 -2.84 -34.09 25.96
C VAL C 34 -2.19 -33.00 25.13
N TRP C 35 -1.01 -33.27 24.59
CA TRP C 35 -0.36 -32.32 23.69
C TRP C 35 -0.13 -32.97 22.33
N TYR C 36 -0.30 -32.17 21.28
CA TYR C 36 -0.03 -32.57 19.91
C TYR C 36 0.91 -31.56 19.27
N GLN C 37 1.77 -32.04 18.39
CA GLN C 37 2.56 -31.19 17.52
C GLN C 37 2.04 -31.27 16.07
N GLN C 38 2.07 -30.14 15.37
CA GLN C 38 1.65 -30.11 13.97
C GLN C 38 2.49 -29.16 13.15
N THR C 39 3.28 -29.75 12.26
CA THR C 39 3.98 -29.00 11.23
C THR C 39 2.90 -28.35 10.38
N LEU C 40 3.09 -27.09 10.02
CA LEU C 40 2.00 -26.36 9.38
C LEU C 40 1.48 -27.08 8.14
N GLY C 41 0.17 -27.25 8.08
CA GLY C 41 -0.48 -27.94 6.98
C GLY C 41 -0.40 -29.46 7.00
N LYS C 42 0.17 -30.04 8.07
CA LYS C 42 0.33 -31.48 8.10
C LYS C 42 -0.55 -32.14 9.16
N GLU C 43 -0.33 -33.43 9.38
CA GLU C 43 -1.09 -34.23 10.33
C GLU C 43 -0.82 -33.81 11.78
N LEU C 44 -1.76 -34.10 12.68
CA LEU C 44 -1.52 -33.95 14.11
C LEU C 44 -0.64 -35.11 14.58
N LYS C 45 0.35 -34.80 15.40
CA LYS C 45 1.20 -35.84 15.99
CA LYS C 45 1.21 -35.83 15.99
C LYS C 45 1.07 -35.83 17.50
N PHE C 46 0.58 -36.94 18.05
CA PHE C 46 0.40 -37.08 19.49
C PHE C 46 1.76 -37.09 20.20
N LEU C 47 1.90 -36.26 21.22
CA LEU C 47 3.14 -36.15 21.98
C LEU C 47 3.07 -36.87 23.32
N ILE C 48 2.08 -36.50 24.13
CA ILE C 48 1.99 -37.04 25.46
C ILE C 48 0.65 -36.72 26.11
N GLN C 49 0.32 -37.52 27.12
CA GLN C 49 -0.94 -37.42 27.86
C GLN C 49 -0.68 -37.57 29.36
N HIS C 50 -1.25 -36.67 30.15
CA HIS C 50 -1.20 -36.74 31.61
C HIS C 50 -2.61 -36.71 32.17
N TYR C 51 -2.87 -37.55 33.15
CA TYR C 51 -4.16 -37.62 33.82
C TYR C 51 -3.90 -37.64 35.32
N GLU C 52 -4.48 -36.70 36.05
CA GLU C 52 -4.24 -36.56 37.48
C GLU C 52 -2.76 -36.50 37.78
N LYS C 53 -2.03 -35.77 36.93
CA LYS C 53 -0.61 -35.46 37.08
C LYS C 53 0.32 -36.62 36.68
N VAL C 54 -0.26 -37.73 36.22
CA VAL C 54 0.53 -38.92 35.92
C VAL C 54 0.55 -39.20 34.42
N GLU C 55 1.74 -39.36 33.85
CA GLU C 55 1.90 -39.65 32.45
C GLU C 55 1.22 -40.98 32.13
N ARG C 56 0.39 -41.02 31.08
CA ARG C 56 -0.41 -42.21 30.79
C ARG C 56 -0.04 -42.89 29.47
N ASP C 57 0.34 -42.08 28.50
CA ASP C 57 0.65 -42.56 27.16
C ASP C 57 1.60 -41.54 26.58
N LYS C 58 2.49 -41.98 25.70
CA LYS C 58 3.50 -41.10 25.18
C LYS C 58 3.82 -41.45 23.74
N GLY C 59 3.96 -40.42 22.91
CA GLY C 59 4.31 -40.62 21.50
C GLY C 59 5.80 -40.41 21.32
N PHE C 60 6.17 -39.88 20.18
CA PHE C 60 7.58 -39.58 19.96
C PHE C 60 7.85 -38.15 20.41
N LEU C 61 7.98 -38.02 21.73
CA LEU C 61 8.31 -36.76 22.36
C LEU C 61 9.83 -36.65 22.35
N PRO C 62 10.37 -35.58 21.74
CA PRO C 62 11.81 -35.47 21.70
C PRO C 62 12.38 -35.38 23.11
N SER C 63 13.59 -35.91 23.29
CA SER C 63 14.26 -35.86 24.57
C SER C 63 14.33 -34.45 25.16
N ARG C 64 14.48 -33.44 24.31
CA ARG C 64 14.66 -32.08 24.82
C ARG C 64 13.35 -31.37 25.13
N PHE C 65 12.22 -32.06 24.94
CA PHE C 65 10.94 -31.57 25.43
C PHE C 65 10.62 -32.34 26.71
N SER C 66 10.07 -31.66 27.71
CA SER C 66 9.58 -32.32 28.91
C SER C 66 8.25 -31.67 29.29
N VAL C 67 7.29 -32.50 29.69
CA VAL C 67 5.94 -32.02 29.99
C VAL C 67 5.56 -32.42 31.42
N GLN C 68 4.88 -31.51 32.13
CA GLN C 68 4.46 -31.75 33.50
C GLN C 68 3.05 -31.17 33.67
N GLN C 69 2.23 -31.88 34.41
CA GLN C 69 0.91 -31.38 34.77
C GLN C 69 0.91 -31.07 36.27
N PHE C 70 0.28 -29.96 36.64
CA PHE C 70 0.36 -29.45 38.00
C PHE C 70 -0.93 -29.65 38.80
N ASP C 71 -0.91 -29.19 40.05
CA ASP C 71 -2.02 -29.41 40.99
C ASP C 71 -3.38 -28.97 40.44
N ASP C 72 -3.42 -27.83 39.78
CA ASP C 72 -4.67 -27.30 39.22
C ASP C 72 -4.96 -27.85 37.85
N TYR C 73 -4.21 -28.90 37.49
CA TYR C 73 -4.36 -29.62 36.22
C TYR C 73 -3.85 -28.92 34.95
N HIS C 74 -3.28 -27.73 35.09
CA HIS C 74 -2.68 -27.11 33.92
C HIS C 74 -1.40 -27.86 33.59
N SER C 75 -0.99 -27.75 32.33
CA SER C 75 0.16 -28.49 31.83
C SER C 75 1.15 -27.52 31.19
N GLU C 76 2.44 -27.86 31.27
CA GLU C 76 3.48 -27.04 30.65
C GLU C 76 4.44 -27.93 29.88
N MET C 77 4.78 -27.50 28.68
CA MET C 77 5.82 -28.15 27.89
C MET C 77 7.05 -27.25 27.86
N ASN C 78 8.13 -27.74 28.43
CA ASN C 78 9.39 -27.02 28.48
C ASN C 78 10.24 -27.55 27.33
N MET C 79 10.56 -26.68 26.38
CA MET C 79 11.27 -27.10 25.18
C MET C 79 12.67 -26.47 25.18
N SER C 80 13.71 -27.30 25.12
CA SER C 80 15.07 -26.80 25.21
C SER C 80 15.87 -27.09 23.94
N ALA C 81 17.06 -26.50 23.82
CA ALA C 81 17.93 -26.72 22.67
C ALA C 81 17.14 -26.69 21.36
N LEU C 82 16.42 -25.61 21.15
CA LEU C 82 15.45 -25.55 20.04
C LEU C 82 16.13 -25.67 18.69
N GLU C 83 15.47 -26.38 17.78
CA GLU C 83 15.93 -26.57 16.42
C GLU C 83 14.96 -25.96 15.43
N LEU C 84 15.46 -25.59 14.25
CA LEU C 84 14.60 -24.98 13.25
C LEU C 84 13.38 -25.87 12.98
N GLU C 85 13.58 -27.18 13.00
CA GLU C 85 12.51 -28.14 12.70
C GLU C 85 11.44 -28.19 13.79
N ASP C 86 11.65 -27.51 14.92
CA ASP C 86 10.64 -27.48 15.98
C ASP C 86 9.55 -26.45 15.66
N SER C 87 9.74 -25.66 14.60
CA SER C 87 8.77 -24.64 14.18
C SER C 87 7.49 -25.37 13.78
N ALA C 88 6.41 -25.09 14.49
CA ALA C 88 5.16 -25.83 14.35
C ALA C 88 4.09 -25.23 15.23
N MET C 89 2.86 -25.75 15.07
CA MET C 89 1.77 -25.46 16.00
C MET C 89 1.81 -26.52 17.07
N TYR C 90 1.55 -26.11 18.31
CA TYR C 90 1.44 -27.02 19.42
C TYR C 90 0.09 -26.86 20.06
N PHE C 91 -0.70 -27.94 20.02
CA PHE C 91 -2.03 -27.94 20.59
C PHE C 91 -2.11 -28.69 21.89
N CYS C 92 -2.85 -28.11 22.83
CA CYS C 92 -3.32 -28.75 24.03
C CYS C 92 -4.77 -29.17 23.84
N ALA C 93 -5.17 -30.31 24.40
CA ALA C 93 -6.57 -30.69 24.50
C ALA C 93 -6.84 -31.31 25.86
N SER C 94 -8.01 -31.03 26.44
CA SER C 94 -8.36 -31.60 27.73
C SER C 94 -9.62 -32.45 27.66
N SER C 95 -9.72 -33.37 28.60
CA SER C 95 -10.93 -34.14 28.77
C SER C 95 -11.22 -34.34 30.25
N LEU C 96 -12.46 -34.69 30.56
CA LEU C 96 -12.88 -34.77 31.96
C LEU C 96 -12.00 -35.77 32.70
N ARG C 97 -11.92 -36.98 32.15
CA ARG C 97 -11.04 -38.03 32.64
C ARG C 97 -10.45 -38.72 31.42
N TRP C 98 -9.43 -39.56 31.60
CA TRP C 98 -8.89 -40.25 30.44
C TRP C 98 -9.98 -41.16 29.89
N GLY C 99 -10.03 -41.27 28.58
CA GLY C 99 -11.04 -42.05 27.92
C GLY C 99 -12.22 -41.21 27.45
N ASP C 100 -12.22 -39.94 27.83
CA ASP C 100 -13.35 -39.05 27.51
C ASP C 100 -13.01 -38.16 26.29
N GLU C 101 -14.04 -37.55 25.72
CA GLU C 101 -13.86 -36.68 24.55
C GLU C 101 -12.93 -35.51 24.85
N GLN C 102 -12.01 -35.23 23.92
CA GLN C 102 -11.08 -34.12 24.05
C GLN C 102 -11.59 -32.82 23.44
N TYR C 103 -11.30 -31.75 24.17
CA TYR C 103 -11.62 -30.39 23.78
C TYR C 103 -10.30 -29.67 23.49
N PHE C 104 -10.18 -29.05 22.32
CA PHE C 104 -8.93 -28.47 21.90
C PHE C 104 -8.72 -26.99 22.26
N GLY C 105 -7.50 -26.68 22.66
CA GLY C 105 -7.03 -25.29 22.80
C GLY C 105 -6.80 -24.67 21.43
N PRO C 106 -6.52 -23.36 21.42
CA PRO C 106 -6.35 -22.60 20.18
C PRO C 106 -5.01 -22.84 19.51
N GLY C 107 -4.07 -23.44 20.24
CA GLY C 107 -2.74 -23.72 19.72
C GLY C 107 -1.78 -22.57 19.93
N THR C 108 -0.51 -22.91 20.06
CA THR C 108 0.60 -21.94 20.11
C THR C 108 1.46 -22.14 18.88
N ARG C 109 1.73 -21.07 18.13
CA ARG C 109 2.62 -21.16 16.98
C ARG C 109 4.02 -20.76 17.41
N LEU C 110 4.95 -21.69 17.27
CA LEU C 110 6.37 -21.45 17.54
C LEU C 110 7.14 -21.33 16.24
N THR C 111 7.92 -20.25 16.12
CA THR C 111 8.83 -20.05 15.02
C THR C 111 10.25 -19.99 15.60
N VAL C 112 11.10 -20.91 15.16
CA VAL C 112 12.53 -20.90 15.53
C VAL C 112 13.33 -20.33 14.38
N LEU C 113 14.15 -19.33 14.66
CA LEU C 113 14.94 -18.66 13.64
C LEU C 113 16.41 -18.85 13.96
N GLU C 114 17.25 -18.74 12.94
CA GLU C 114 18.71 -18.77 13.16
C GLU C 114 19.18 -17.56 13.97
N ASP C 115 18.57 -16.40 13.74
CA ASP C 115 19.04 -15.13 14.28
C ASP C 115 17.87 -14.15 14.49
N LEU C 116 17.60 -13.78 15.73
CA LEU C 116 16.51 -12.84 16.02
C LEU C 116 16.77 -11.46 15.45
N ARG C 117 17.99 -11.23 14.95
CA ARG C 117 18.36 -9.90 14.49
C ARG C 117 17.59 -9.48 13.26
N ASN C 118 16.99 -10.47 12.58
CA ASN C 118 16.24 -10.20 11.36
C ASN C 118 14.75 -9.89 11.62
N VAL C 119 14.28 -10.12 12.84
CA VAL C 119 12.87 -9.85 13.15
C VAL C 119 12.61 -8.36 12.98
N THR C 120 11.53 -8.02 12.28
CA THR C 120 11.19 -6.62 12.00
C THR C 120 9.70 -6.47 11.69
N PRO C 121 9.06 -5.40 12.20
CA PRO C 121 7.63 -5.18 12.00
C PRO C 121 7.33 -4.65 10.60
N PRO C 122 6.08 -4.77 10.16
CA PRO C 122 5.65 -4.28 8.86
C PRO C 122 5.55 -2.75 8.78
N LYS C 123 5.73 -2.24 7.56
CA LYS C 123 5.23 -0.92 7.18
C LYS C 123 3.89 -1.13 6.53
N VAL C 124 2.92 -0.26 6.80
CA VAL C 124 1.58 -0.40 6.25
C VAL C 124 1.19 0.86 5.48
N SER C 125 0.66 0.66 4.27
CA SER C 125 0.26 1.76 3.39
C SER C 125 -1.15 1.53 2.88
N LEU C 126 -1.99 2.54 2.98
CA LEU C 126 -3.35 2.48 2.45
C LEU C 126 -3.45 3.33 1.20
N PHE C 127 -4.08 2.78 0.16
CA PHE C 127 -4.19 3.45 -1.14
C PHE C 127 -5.66 3.74 -1.38
N GLU C 128 -5.97 4.99 -1.67
CA GLU C 128 -7.32 5.39 -2.01
C GLU C 128 -7.67 4.83 -3.38
N PRO C 129 -8.97 4.73 -3.69
CA PRO C 129 -9.38 4.19 -4.99
C PRO C 129 -8.97 5.04 -6.17
N SER C 130 -8.74 4.38 -7.30
CA SER C 130 -8.42 5.08 -8.53
C SER C 130 -9.66 5.74 -9.11
N LYS C 131 -9.48 6.93 -9.68
CA LYS C 131 -10.53 7.64 -10.36
C LYS C 131 -11.13 6.78 -11.49
N ALA C 132 -10.30 6.02 -12.19
CA ALA C 132 -10.79 5.15 -13.27
C ALA C 132 -11.78 4.09 -12.72
N GLU C 133 -11.44 3.44 -11.62
CA GLU C 133 -12.35 2.43 -11.08
C GLU C 133 -13.70 3.07 -10.73
N ILE C 134 -13.64 4.21 -10.06
CA ILE C 134 -14.87 4.88 -9.64
C ILE C 134 -15.70 5.26 -10.86
N ALA C 135 -15.05 5.86 -11.85
CA ALA C 135 -15.75 6.30 -13.05
C ALA C 135 -16.40 5.14 -13.81
N ASN C 136 -15.70 4.02 -13.90
CA ASN C 136 -16.09 2.94 -14.81
C ASN C 136 -16.89 1.79 -14.18
N LYS C 137 -16.85 1.67 -12.87
CA LYS C 137 -17.49 0.55 -12.19
C LYS C 137 -18.43 0.97 -11.05
N GLN C 138 -18.36 2.23 -10.63
CA GLN C 138 -19.14 2.70 -9.49
C GLN C 138 -18.85 1.86 -8.23
N LYS C 139 -17.63 1.34 -8.18
CA LYS C 139 -17.09 0.73 -6.97
C LYS C 139 -15.82 1.47 -6.59
N ALA C 140 -15.44 1.37 -5.33
CA ALA C 140 -14.22 1.98 -4.86
C ALA C 140 -13.47 0.97 -4.03
N THR C 141 -12.29 0.58 -4.50
CA THR C 141 -11.48 -0.37 -3.77
C THR C 141 -10.29 0.32 -3.11
N LEU C 142 -10.17 0.14 -1.79
CA LEU C 142 -8.99 0.57 -1.07
C LEU C 142 -8.02 -0.60 -1.00
N VAL C 143 -6.74 -0.33 -1.21
CA VAL C 143 -5.70 -1.37 -1.15
C VAL C 143 -4.86 -1.11 0.09
N CYS C 144 -4.64 -2.15 0.88
CA CYS C 144 -3.72 -2.08 1.99
C CYS C 144 -2.53 -2.99 1.69
N LEU C 145 -1.33 -2.44 1.83
CA LEU C 145 -0.09 -3.17 1.59
C LEU C 145 0.73 -3.16 2.87
N ALA C 146 0.96 -4.35 3.41
CA ALA C 146 1.81 -4.53 4.58
C ALA C 146 3.06 -5.28 4.12
N ARG C 147 4.24 -4.69 4.34
CA ARG C 147 5.48 -5.31 3.86
C ARG C 147 6.67 -4.95 4.73
N GLY C 148 7.80 -5.58 4.44
CA GLY C 148 9.02 -5.32 5.17
C GLY C 148 9.08 -6.03 6.50
N PHE C 149 8.15 -6.95 6.74
CA PHE C 149 8.11 -7.67 8.01
C PHE C 149 8.75 -9.07 7.96
N PHE C 150 9.20 -9.53 9.12
CA PHE C 150 9.79 -10.85 9.28
C PHE C 150 9.74 -11.20 10.78
N PRO C 151 9.38 -12.45 11.11
CA PRO C 151 8.92 -13.48 10.22
C PRO C 151 7.45 -13.22 9.88
N ASP C 152 6.76 -14.20 9.33
CA ASP C 152 5.40 -14.03 8.84
CA ASP C 152 5.39 -13.97 8.84
C ASP C 152 4.35 -14.30 9.92
N HIS C 153 4.24 -13.41 10.89
CA HIS C 153 3.27 -13.55 11.95
C HIS C 153 2.47 -12.24 11.95
N VAL C 154 1.62 -12.03 10.96
CA VAL C 154 0.76 -10.83 10.96
C VAL C 154 -0.73 -11.20 10.82
N GLU C 155 -1.60 -10.33 11.34
CA GLU C 155 -3.05 -10.47 11.19
C GLU C 155 -3.58 -9.13 10.75
N LEU C 156 -4.26 -9.11 9.60
CA LEU C 156 -4.73 -7.86 9.00
C LEU C 156 -6.24 -7.80 9.08
N SER C 157 -6.77 -6.64 9.45
CA SER C 157 -8.20 -6.47 9.59
C SER C 157 -8.60 -5.09 9.11
N TRP C 158 -9.86 -4.96 8.72
CA TRP C 158 -10.41 -3.70 8.20
C TRP C 158 -11.51 -3.15 9.11
N TRP C 159 -11.45 -1.85 9.36
CA TRP C 159 -12.35 -1.18 10.26
C TRP C 159 -12.93 0.05 9.56
N VAL C 160 -14.25 0.09 9.49
CA VAL C 160 -14.97 1.20 8.87
C VAL C 160 -15.81 1.88 9.94
N ASN C 161 -15.56 3.18 10.15
CA ASN C 161 -16.23 3.92 11.21
C ASN C 161 -16.14 3.21 12.55
N GLY C 162 -14.98 2.61 12.80
CA GLY C 162 -14.63 2.02 14.08
C GLY C 162 -15.19 0.62 14.33
N LYS C 163 -15.78 0.01 13.29
CA LYS C 163 -16.33 -1.34 13.43
C LYS C 163 -15.70 -2.24 12.37
N GLU C 164 -15.39 -3.47 12.75
CA GLU C 164 -14.71 -4.38 11.84
C GLU C 164 -15.65 -4.83 10.75
N VAL C 165 -15.14 -4.88 9.52
CA VAL C 165 -15.94 -5.33 8.39
C VAL C 165 -15.33 -6.55 7.70
N HIS C 166 -16.18 -7.30 7.02
CA HIS C 166 -15.77 -8.49 6.28
C HIS C 166 -16.31 -8.47 4.85
N SER C 167 -17.53 -7.99 4.68
CA SER C 167 -18.12 -7.83 3.36
C SER C 167 -17.21 -6.93 2.51
N GLY C 168 -16.89 -7.38 1.30
CA GLY C 168 -16.07 -6.61 0.40
C GLY C 168 -14.58 -6.74 0.64
N VAL C 169 -14.18 -7.54 1.63
CA VAL C 169 -12.76 -7.72 1.94
C VAL C 169 -12.19 -8.95 1.21
N SER C 170 -11.03 -8.78 0.57
CA SER C 170 -10.30 -9.90 -0.03
C SER C 170 -8.85 -9.73 0.37
N THR C 171 -8.38 -10.60 1.25
CA THR C 171 -7.02 -10.53 1.74
C THR C 171 -6.25 -11.71 1.14
N ASP C 172 -5.02 -11.47 0.69
CA ASP C 172 -4.20 -12.54 0.14
C ASP C 172 -4.10 -13.66 1.16
N PRO C 173 -4.21 -14.92 0.72
CA PRO C 173 -4.25 -16.05 1.64
C PRO C 173 -2.96 -16.24 2.47
N GLN C 174 -1.81 -15.87 1.92
CA GLN C 174 -0.57 -16.13 2.61
C GLN C 174 0.44 -15.10 2.13
N ALA C 175 1.17 -14.53 3.07
CA ALA C 175 2.23 -13.58 2.75
C ALA C 175 3.28 -14.26 1.90
N TYR C 176 3.96 -13.51 1.06
CA TYR C 176 5.10 -14.07 0.32
C TYR C 176 6.36 -13.25 0.55
N LYS C 177 7.50 -13.86 0.24
CA LYS C 177 8.79 -13.22 0.45
C LYS C 177 9.11 -12.32 -0.72
N GLU C 178 9.37 -11.06 -0.42
CA GLU C 178 9.80 -10.08 -1.40
C GLU C 178 11.31 -10.05 -1.40
N SER C 179 11.91 -10.47 -0.28
CA SER C 179 13.35 -10.71 -0.20
C SER C 179 13.66 -11.74 0.90
N ASN C 180 14.93 -12.03 1.13
CA ASN C 180 15.32 -13.10 2.04
C ASN C 180 14.73 -12.96 3.44
N TYR C 181 14.63 -11.74 3.97
CA TYR C 181 14.13 -11.58 5.33
C TYR C 181 13.03 -10.55 5.38
N SER C 182 12.18 -10.55 4.35
CA SER C 182 11.10 -9.59 4.24
C SER C 182 9.86 -10.15 3.51
N TYR C 183 8.71 -10.07 4.15
CA TYR C 183 7.46 -10.53 3.58
C TYR C 183 6.56 -9.39 3.11
N SER C 184 5.63 -9.73 2.23
CA SER C 184 4.61 -8.81 1.77
C SER C 184 3.23 -9.46 1.80
N LEU C 185 2.22 -8.68 2.21
CA LEU C 185 0.83 -9.10 2.23
C LEU C 185 -0.06 -7.94 1.78
N SER C 186 -0.99 -8.21 0.87
CA SER C 186 -1.95 -7.20 0.42
C SER C 186 -3.40 -7.62 0.72
N SER C 187 -4.23 -6.61 0.91
CA SER C 187 -5.67 -6.78 1.09
C SER C 187 -6.41 -5.65 0.39
N ARG C 188 -7.66 -5.91 0.02
CA ARG C 188 -8.49 -4.94 -0.64
C ARG C 188 -9.81 -4.86 0.10
N LEU C 189 -10.35 -3.66 0.19
CA LEU C 189 -11.71 -3.47 0.70
C LEU C 189 -12.45 -2.73 -0.40
N ARG C 190 -13.48 -3.37 -0.93
CA ARG C 190 -14.31 -2.76 -1.94
C ARG C 190 -15.64 -2.32 -1.34
N VAL C 191 -15.95 -1.03 -1.54
CA VAL C 191 -17.23 -0.45 -1.13
C VAL C 191 -17.88 0.24 -2.35
N SER C 192 -19.12 0.67 -2.23
CA SER C 192 -19.76 1.39 -3.32
C SER C 192 -19.11 2.76 -3.52
N ALA C 193 -19.16 3.29 -4.74
CA ALA C 193 -18.68 4.65 -5.00
C ALA C 193 -19.44 5.65 -4.12
N THR C 194 -20.73 5.44 -3.93
CA THR C 194 -21.52 6.28 -3.03
C THR C 194 -20.97 6.31 -1.62
N PHE C 195 -20.59 5.15 -1.10
CA PHE C 195 -20.09 5.08 0.27
C PHE C 195 -18.71 5.76 0.39
N TRP C 196 -17.86 5.61 -0.63
CA TRP C 196 -16.56 6.29 -0.63
C TRP C 196 -16.75 7.82 -0.75
N HIS C 197 -17.78 8.23 -1.49
CA HIS C 197 -18.23 9.64 -1.64
C HIS C 197 -18.97 10.16 -0.39
N ASN C 198 -18.28 10.13 0.73
CA ASN C 198 -18.78 10.65 2.00
C ASN C 198 -17.57 10.97 2.87
N PRO C 199 -17.21 12.25 2.97
CA PRO C 199 -16.08 12.70 3.78
C PRO C 199 -16.08 12.16 5.21
N ARG C 200 -17.25 11.84 5.75
CA ARG C 200 -17.35 11.43 7.13
C ARG C 200 -17.22 9.93 7.34
N ASN C 201 -17.05 9.16 6.28
CA ASN C 201 -16.73 7.73 6.46
C ASN C 201 -15.24 7.54 6.68
N HIS C 202 -14.89 6.74 7.68
CA HIS C 202 -13.50 6.50 8.06
C HIS C 202 -13.14 5.04 7.82
N PHE C 203 -11.97 4.84 7.22
CA PHE C 203 -11.45 3.55 6.83
C PHE C 203 -10.09 3.33 7.47
N ARG C 204 -9.92 2.17 8.10
CA ARG C 204 -8.60 1.79 8.65
C ARG C 204 -8.21 0.34 8.32
N CYS C 205 -7.00 0.16 7.84
CA CYS C 205 -6.41 -1.15 7.70
C CYS C 205 -5.51 -1.31 8.90
N GLN C 206 -5.80 -2.34 9.69
CA GLN C 206 -5.10 -2.57 10.95
C GLN C 206 -4.28 -3.86 10.86
N VAL C 207 -2.99 -3.78 11.17
CA VAL C 207 -2.15 -4.97 11.20
C VAL C 207 -1.61 -5.19 12.60
N GLN C 208 -1.68 -6.44 13.07
CA GLN C 208 -1.02 -6.83 14.30
C GLN C 208 0.15 -7.73 13.94
N PHE C 209 1.32 -7.35 14.44
CA PHE C 209 2.56 -8.06 14.21
C PHE C 209 2.98 -8.76 15.48
N HIS C 210 3.26 -10.05 15.37
CA HIS C 210 3.70 -10.83 16.51
C HIS C 210 5.21 -10.95 16.45
N GLY C 211 5.87 -10.33 17.41
CA GLY C 211 7.32 -10.28 17.41
C GLY C 211 7.92 -10.80 18.69
N LEU C 212 8.94 -10.12 19.18
CA LEU C 212 9.65 -10.50 20.40
C LEU C 212 8.89 -10.07 21.65
N SER C 213 9.25 -10.64 22.81
CA SER C 213 8.57 -10.33 24.08
C SER C 213 9.53 -9.74 25.12
N GLU C 214 9.06 -9.69 26.37
CA GLU C 214 9.82 -9.15 27.51
C GLU C 214 11.13 -9.91 27.77
N GLU C 215 11.06 -11.23 27.94
CA GLU C 215 12.25 -12.00 28.27
C GLU C 215 13.31 -12.02 27.16
N ASP C 216 13.02 -11.38 26.03
CA ASP C 216 13.93 -11.37 24.88
C ASP C 216 14.97 -10.24 24.93
N LYS C 217 16.25 -10.60 24.80
CA LYS C 217 17.33 -9.62 24.77
C LYS C 217 17.40 -8.92 23.42
N TRP C 218 17.81 -7.66 23.40
CA TRP C 218 17.97 -6.93 22.14
C TRP C 218 19.12 -5.93 22.21
N PRO C 219 20.07 -6.05 21.28
CA PRO C 219 21.26 -5.20 21.25
C PRO C 219 20.90 -3.72 21.21
N GLU C 220 21.57 -2.93 22.03
CA GLU C 220 21.35 -1.49 22.06
C GLU C 220 21.50 -0.92 20.65
N GLY C 221 20.89 0.24 20.40
CA GLY C 221 21.10 0.97 19.15
C GLY C 221 20.03 0.78 18.10
N SER C 222 18.92 0.17 18.48
CA SER C 222 17.87 -0.13 17.54
C SER C 222 16.59 -0.49 18.29
N PRO C 223 15.45 -0.07 17.77
CA PRO C 223 14.14 -0.39 18.35
C PRO C 223 13.88 -1.90 18.37
N LYS C 224 13.54 -2.44 19.54
CA LYS C 224 13.29 -3.87 19.71
C LYS C 224 11.98 -4.25 19.03
N PRO C 225 12.05 -5.15 18.04
CA PRO C 225 10.86 -5.49 17.24
C PRO C 225 9.81 -6.29 18.03
N VAL C 226 9.20 -5.65 19.00
CA VAL C 226 8.22 -6.31 19.86
C VAL C 226 6.91 -6.49 19.12
N THR C 227 6.02 -7.30 19.69
CA THR C 227 4.66 -7.42 19.21
C THR C 227 4.02 -6.04 19.24
N GLN C 228 3.34 -5.67 18.16
CA GLN C 228 2.83 -4.31 18.01
C GLN C 228 1.81 -4.19 16.89
N ASN C 229 1.08 -3.09 16.93
CA ASN C 229 0.06 -2.74 15.96
C ASN C 229 0.59 -1.69 15.00
N ILE C 230 0.28 -1.85 13.72
CA ILE C 230 0.65 -0.84 12.72
C ILE C 230 -0.58 -0.66 11.84
N SER C 231 -0.99 0.58 11.58
CA SER C 231 -2.19 0.79 10.75
C SER C 231 -2.04 1.98 9.78
N ALA C 232 -2.95 2.04 8.82
CA ALA C 232 -3.04 3.15 7.91
C ALA C 232 -4.51 3.49 7.77
N GLU C 233 -4.83 4.76 7.63
CA GLU C 233 -6.22 5.15 7.51
C GLU C 233 -6.46 6.23 6.48
N ALA C 234 -7.73 6.39 6.12
CA ALA C 234 -8.13 7.45 5.23
C ALA C 234 -9.59 7.72 5.47
N TRP C 235 -10.03 8.94 5.14
CA TRP C 235 -11.44 9.28 5.16
C TRP C 235 -11.95 9.28 3.72
N GLY C 236 -13.24 9.10 3.54
CA GLY C 236 -13.85 9.30 2.24
C GLY C 236 -13.73 10.74 1.74
N ARG C 237 -14.19 10.96 0.52
CA ARG C 237 -13.90 12.19 -0.17
C ARG C 237 -15.09 12.69 -1.00
N ALA C 238 -15.33 14.00 -0.99
CA ALA C 238 -16.30 14.62 -1.87
C ALA C 238 -15.80 14.56 -3.32
N ASP C 239 -16.63 14.94 -4.28
CA ASP C 239 -16.26 14.92 -5.68
C ASP C 239 -14.92 15.59 -5.94
N SER C 240 -14.08 14.93 -6.73
CA SER C 240 -12.82 15.52 -7.19
C SER C 240 -12.97 15.90 -8.65
N ASP D 2 -3.72 -51.63 16.34
CA ASP D 2 -3.78 -52.42 15.08
C ASP D 2 -3.95 -51.52 13.85
N SER D 3 -4.85 -50.54 13.93
CA SER D 3 -5.03 -49.56 12.86
C SER D 3 -5.78 -48.33 13.38
N GLY D 4 -5.63 -47.23 12.67
CA GLY D 4 -6.29 -45.99 13.03
C GLY D 4 -7.29 -45.55 11.99
N VAL D 5 -7.80 -44.34 12.17
CA VAL D 5 -8.73 -43.74 11.24
C VAL D 5 -8.01 -43.52 9.91
N VAL D 6 -8.70 -43.79 8.80
CA VAL D 6 -8.16 -43.46 7.50
C VAL D 6 -9.10 -42.53 6.72
N GLN D 7 -8.52 -41.75 5.81
CA GLN D 7 -9.28 -40.78 5.05
C GLN D 7 -8.87 -40.82 3.59
N SER D 8 -9.75 -40.35 2.72
CA SER D 8 -9.48 -40.27 1.30
C SER D 8 -10.17 -39.03 0.75
N PRO D 9 -9.51 -38.32 -0.19
CA PRO D 9 -8.12 -38.49 -0.63
C PRO D 9 -7.16 -37.88 0.40
N ARG D 10 -5.87 -37.83 0.11
CA ARG D 10 -4.94 -37.18 1.06
C ARG D 10 -4.67 -35.72 0.65
N HIS D 11 -4.59 -35.49 -0.66
CA HIS D 11 -4.52 -34.15 -1.25
C HIS D 11 -5.52 -34.08 -2.40
N ILE D 12 -6.15 -32.93 -2.58
CA ILE D 12 -6.95 -32.70 -3.77
C ILE D 12 -6.95 -31.21 -4.13
N ILE D 13 -6.88 -30.94 -5.44
CA ILE D 13 -6.95 -29.57 -5.96
C ILE D 13 -8.26 -29.42 -6.73
N LYS D 14 -9.02 -28.38 -6.38
CA LYS D 14 -10.27 -28.07 -7.07
C LYS D 14 -10.29 -26.62 -7.53
N GLU D 15 -11.08 -26.35 -8.56
CA GLU D 15 -11.25 -25.00 -9.04
C GLU D 15 -12.41 -24.36 -8.28
N LYS D 16 -12.35 -23.04 -8.10
CA LYS D 16 -13.44 -22.30 -7.51
C LYS D 16 -14.73 -22.70 -8.22
N GLY D 17 -15.78 -22.98 -7.45
CA GLY D 17 -17.09 -23.28 -7.99
C GLY D 17 -17.33 -24.76 -8.18
N GLY D 18 -16.28 -25.57 -8.05
CA GLY D 18 -16.37 -27.00 -8.21
C GLY D 18 -16.94 -27.70 -6.98
N ARG D 19 -16.87 -29.03 -6.99
CA ARG D 19 -17.47 -29.84 -5.95
C ARG D 19 -16.56 -31.03 -5.70
N SER D 20 -16.48 -31.47 -4.45
CA SER D 20 -15.78 -32.71 -4.18
C SER D 20 -16.32 -33.41 -2.94
N VAL D 21 -15.91 -34.66 -2.77
CA VAL D 21 -16.35 -35.46 -1.63
C VAL D 21 -15.17 -36.02 -0.87
N LEU D 22 -15.20 -35.81 0.44
CA LEU D 22 -14.17 -36.29 1.35
C LEU D 22 -14.73 -37.47 2.13
N THR D 23 -13.94 -38.53 2.30
CA THR D 23 -14.44 -39.72 2.95
C THR D 23 -13.54 -40.17 4.12
N CYS D 24 -14.17 -40.73 5.15
CA CYS D 24 -13.49 -41.11 6.37
C CYS D 24 -13.95 -42.50 6.79
N ILE D 25 -12.99 -43.38 7.07
CA ILE D 25 -13.33 -44.68 7.65
C ILE D 25 -12.83 -44.70 9.11
N PRO D 26 -13.75 -44.85 10.07
CA PRO D 26 -13.37 -44.83 11.47
C PRO D 26 -12.69 -46.12 11.88
N ILE D 27 -12.07 -46.09 13.05
CA ILE D 27 -11.53 -47.30 13.63
C ILE D 27 -12.66 -48.33 13.74
N SER D 28 -12.33 -49.58 13.42
CA SER D 28 -13.31 -50.65 13.43
C SER D 28 -14.01 -50.74 14.78
N GLY D 29 -15.33 -50.64 14.74
CA GLY D 29 -16.12 -50.74 15.94
C GLY D 29 -16.51 -49.39 16.49
N HIS D 30 -15.90 -48.32 15.98
CA HIS D 30 -16.26 -46.96 16.41
C HIS D 30 -17.48 -46.50 15.64
N SER D 31 -18.39 -45.81 16.31
CA SER D 31 -19.64 -45.43 15.66
C SER D 31 -19.91 -43.92 15.73
N ASN D 32 -19.00 -43.17 16.34
CA ASN D 32 -19.11 -41.72 16.46
C ASN D 32 -18.00 -41.08 15.63
N VAL D 33 -18.37 -40.22 14.69
CA VAL D 33 -17.43 -39.61 13.75
C VAL D 33 -17.66 -38.10 13.69
N VAL D 34 -16.58 -37.36 13.85
CA VAL D 34 -16.59 -35.92 13.90
C VAL D 34 -15.66 -35.38 12.79
N TRP D 35 -16.04 -34.25 12.20
CA TRP D 35 -15.20 -33.55 11.24
C TRP D 35 -14.76 -32.21 11.79
N TYR D 36 -13.51 -31.84 11.50
CA TYR D 36 -12.95 -30.52 11.79
C TYR D 36 -12.34 -29.89 10.54
N GLN D 37 -12.40 -28.57 10.48
CA GLN D 37 -11.74 -27.77 9.44
C GLN D 37 -10.60 -26.96 10.04
N GLN D 38 -9.47 -26.89 9.36
CA GLN D 38 -8.37 -26.10 9.84
C GLN D 38 -7.66 -25.35 8.71
N THR D 39 -7.80 -24.03 8.73
CA THR D 39 -7.04 -23.17 7.85
C THR D 39 -5.57 -23.24 8.26
N LEU D 40 -4.68 -23.10 7.28
CA LEU D 40 -3.25 -23.18 7.53
C LEU D 40 -2.82 -22.28 8.69
N GLY D 41 -2.25 -22.90 9.71
CA GLY D 41 -1.70 -22.15 10.84
C GLY D 41 -2.73 -21.69 11.86
N LYS D 42 -3.96 -22.19 11.76
CA LYS D 42 -5.01 -21.73 12.67
C LYS D 42 -5.58 -22.86 13.50
N GLU D 43 -6.64 -22.58 14.25
CA GLU D 43 -7.21 -23.55 15.19
C GLU D 43 -8.06 -24.59 14.47
N LEU D 44 -8.31 -25.72 15.14
CA LEU D 44 -9.28 -26.68 14.66
C LEU D 44 -10.67 -26.10 14.85
N LYS D 45 -11.50 -26.12 13.80
CA LYS D 45 -12.89 -25.71 13.94
C LYS D 45 -13.79 -26.91 13.80
N PHE D 46 -14.53 -27.21 14.86
CA PHE D 46 -15.47 -28.32 14.84
C PHE D 46 -16.58 -28.04 13.81
N LEU D 47 -16.88 -29.01 12.93
CA LEU D 47 -17.94 -28.82 11.93
C LEU D 47 -19.21 -29.57 12.29
N ILE D 48 -19.08 -30.87 12.54
CA ILE D 48 -20.27 -31.69 12.76
C ILE D 48 -19.90 -33.05 13.34
N GLN D 49 -20.89 -33.65 14.01
CA GLN D 49 -20.76 -34.93 14.67
C GLN D 49 -21.93 -35.85 14.28
N HIS D 50 -21.64 -37.10 13.90
CA HIS D 50 -22.66 -38.14 13.74
C HIS D 50 -22.35 -39.32 14.63
N TYR D 51 -23.40 -39.87 15.23
CA TYR D 51 -23.30 -41.02 16.09
C TYR D 51 -24.44 -41.97 15.72
N GLU D 52 -24.06 -43.15 15.27
CA GLU D 52 -25.02 -44.13 14.75
CA GLU D 52 -25.03 -44.13 14.78
C GLU D 52 -25.90 -43.48 13.69
N LYS D 53 -25.25 -42.71 12.83
CA LYS D 53 -25.85 -42.08 11.67
C LYS D 53 -26.61 -40.79 11.99
N VAL D 54 -26.93 -40.57 13.27
CA VAL D 54 -27.71 -39.41 13.64
C VAL D 54 -26.82 -38.20 13.91
N GLU D 55 -27.16 -37.09 13.29
CA GLU D 55 -26.45 -35.84 13.55
C GLU D 55 -26.72 -35.42 14.99
N ARG D 56 -25.67 -35.22 15.75
CA ARG D 56 -25.79 -34.66 17.08
C ARG D 56 -25.30 -33.21 17.02
N ASP D 57 -24.10 -32.97 17.50
CA ASP D 57 -23.58 -31.61 17.53
C ASP D 57 -23.29 -31.09 16.12
N LYS D 58 -23.50 -29.79 15.94
CA LYS D 58 -23.17 -29.13 14.71
C LYS D 58 -22.55 -27.78 15.04
N GLY D 59 -21.40 -27.51 14.44
CA GLY D 59 -20.70 -26.28 14.68
C GLY D 59 -20.73 -25.38 13.46
N PHE D 60 -19.57 -25.23 12.84
CA PHE D 60 -19.34 -24.20 11.84
C PHE D 60 -19.64 -24.66 10.40
N LEU D 61 -20.47 -25.70 10.26
CA LEU D 61 -20.71 -26.30 8.94
C LEU D 61 -21.45 -25.35 7.99
N PRO D 62 -20.82 -24.97 6.88
CA PRO D 62 -21.45 -24.14 5.85
C PRO D 62 -22.60 -24.87 5.17
N SER D 63 -23.63 -24.14 4.76
CA SER D 63 -24.76 -24.73 4.05
C SER D 63 -24.33 -25.45 2.77
N ARG D 64 -23.23 -25.03 2.17
CA ARG D 64 -22.74 -25.67 0.95
C ARG D 64 -22.06 -27.01 1.22
N PHE D 65 -21.78 -27.32 2.50
CA PHE D 65 -21.28 -28.64 2.89
C PHE D 65 -22.41 -29.49 3.46
N SER D 66 -22.42 -30.77 3.15
CA SER D 66 -23.34 -31.70 3.79
C SER D 66 -22.58 -32.97 4.12
N VAL D 67 -22.90 -33.56 5.26
CA VAL D 67 -22.20 -34.72 5.75
C VAL D 67 -23.20 -35.83 6.03
N GLN D 68 -22.81 -37.05 5.70
CA GLN D 68 -23.64 -38.20 5.93
C GLN D 68 -22.79 -39.34 6.48
N GLN D 69 -23.31 -40.03 7.49
CA GLN D 69 -22.70 -41.26 7.99
C GLN D 69 -23.54 -42.46 7.57
N PHE D 70 -22.87 -43.52 7.13
CA PHE D 70 -23.54 -44.67 6.55
C PHE D 70 -23.63 -45.85 7.54
N ASP D 71 -24.23 -46.96 7.09
CA ASP D 71 -24.41 -48.14 7.95
C ASP D 71 -23.11 -48.69 8.54
N ASP D 72 -22.01 -48.63 7.78
CA ASP D 72 -20.72 -49.16 8.25
C ASP D 72 -19.97 -48.11 9.06
N TYR D 73 -20.68 -47.01 9.31
CA TYR D 73 -20.21 -45.88 10.10
C TYR D 73 -19.17 -44.99 9.42
N HIS D 74 -18.83 -45.28 8.17
CA HIS D 74 -17.96 -44.33 7.46
C HIS D 74 -18.79 -43.09 7.14
N SER D 75 -18.09 -41.98 6.95
CA SER D 75 -18.73 -40.69 6.81
C SER D 75 -18.15 -39.97 5.59
N GLU D 76 -19.01 -39.24 4.90
CA GLU D 76 -18.61 -38.49 3.71
C GLU D 76 -19.09 -37.05 3.84
N MET D 77 -18.21 -36.12 3.50
CA MET D 77 -18.56 -34.72 3.43
C MET D 77 -18.60 -34.31 1.97
N ASN D 78 -19.78 -33.92 1.52
CA ASN D 78 -20.01 -33.47 0.15
C ASN D 78 -19.97 -31.95 0.13
N MET D 79 -18.99 -31.41 -0.57
CA MET D 79 -18.74 -29.98 -0.60
C MET D 79 -19.05 -29.43 -1.98
N SER D 80 -19.91 -28.43 -2.05
CA SER D 80 -20.30 -27.88 -3.35
C SER D 80 -19.96 -26.40 -3.41
N ALA D 81 -20.06 -25.82 -4.61
CA ALA D 81 -19.84 -24.38 -4.83
C ALA D 81 -18.59 -23.90 -4.09
N LEU D 82 -17.49 -24.60 -4.32
CA LEU D 82 -16.27 -24.38 -3.55
C LEU D 82 -15.73 -22.95 -3.65
N GLU D 83 -15.32 -22.41 -2.52
CA GLU D 83 -14.74 -21.07 -2.43
C GLU D 83 -13.26 -21.16 -2.08
N LEU D 84 -12.48 -20.14 -2.44
CA LEU D 84 -11.05 -20.13 -2.12
C LEU D 84 -10.80 -20.34 -0.63
N GLU D 85 -11.65 -19.72 0.18
CA GLU D 85 -11.51 -19.78 1.64
C GLU D 85 -11.81 -21.17 2.18
N ASP D 86 -12.29 -22.07 1.33
CA ASP D 86 -12.51 -23.45 1.75
C ASP D 86 -11.21 -24.25 1.73
N SER D 87 -10.14 -23.65 1.21
CA SER D 87 -8.83 -24.30 1.21
C SER D 87 -8.41 -24.51 2.65
N ALA D 88 -8.24 -25.77 3.04
CA ALA D 88 -7.97 -26.10 4.42
C ALA D 88 -7.60 -27.57 4.56
N MET D 89 -7.16 -27.96 5.76
CA MET D 89 -7.06 -29.35 6.10
C MET D 89 -8.39 -29.77 6.72
N TYR D 90 -8.90 -30.94 6.33
CA TYR D 90 -10.15 -31.48 6.89
C TYR D 90 -9.85 -32.78 7.60
N PHE D 91 -10.03 -32.79 8.91
CA PHE D 91 -9.77 -33.97 9.75
C PHE D 91 -11.07 -34.65 10.12
N CYS D 92 -11.12 -35.97 10.01
CA CYS D 92 -12.15 -36.69 10.74
C CYS D 92 -11.52 -37.36 11.96
N ALA D 93 -12.34 -37.63 12.96
CA ALA D 93 -11.88 -38.34 14.14
C ALA D 93 -13.00 -39.25 14.59
N SER D 94 -12.66 -40.42 15.09
CA SER D 94 -13.66 -41.39 15.50
C SER D 94 -13.52 -41.71 16.99
N SER D 95 -14.65 -42.05 17.61
CA SER D 95 -14.68 -42.56 18.97
C SER D 95 -15.67 -43.72 19.05
N LEU D 96 -15.50 -44.56 20.05
CA LEU D 96 -16.35 -45.73 20.24
C LEU D 96 -17.81 -45.29 20.33
N ARG D 97 -18.07 -44.36 21.23
CA ARG D 97 -19.39 -43.78 21.35
C ARG D 97 -19.26 -42.26 21.53
N TRP D 98 -20.39 -41.59 21.37
CA TRP D 98 -20.48 -40.17 21.69
C TRP D 98 -19.98 -39.94 23.11
N GLY D 99 -19.09 -38.96 23.29
CA GLY D 99 -18.57 -38.62 24.61
C GLY D 99 -17.24 -39.27 24.96
N ASP D 100 -16.79 -40.21 24.13
CA ASP D 100 -15.51 -40.89 24.35
C ASP D 100 -14.33 -40.20 23.65
N GLU D 101 -13.12 -40.52 24.09
CA GLU D 101 -11.89 -40.06 23.44
C GLU D 101 -11.90 -40.27 21.92
N GLN D 102 -11.53 -39.24 21.18
CA GLN D 102 -11.54 -39.36 19.75
C GLN D 102 -10.12 -39.54 19.19
N TYR D 103 -10.06 -40.29 18.09
CA TYR D 103 -8.82 -40.66 17.40
C TYR D 103 -8.82 -40.03 16.04
N PHE D 104 -7.74 -39.36 15.70
CA PHE D 104 -7.70 -38.54 14.48
C PHE D 104 -7.20 -39.30 13.26
N GLY D 105 -7.86 -39.03 12.12
CA GLY D 105 -7.37 -39.42 10.82
C GLY D 105 -6.27 -38.46 10.39
N PRO D 106 -5.65 -38.73 9.23
CA PRO D 106 -4.48 -37.99 8.80
C PRO D 106 -4.81 -36.64 8.17
N GLY D 107 -6.08 -36.43 7.89
CA GLY D 107 -6.52 -35.23 7.20
C GLY D 107 -6.52 -35.33 5.68
N THR D 108 -7.42 -34.57 5.09
CA THR D 108 -7.42 -34.32 3.65
C THR D 108 -7.06 -32.85 3.45
N ARG D 109 -6.02 -32.60 2.66
CA ARG D 109 -5.65 -31.27 2.23
C ARG D 109 -6.41 -30.88 0.96
N LEU D 110 -7.36 -29.97 1.10
CA LEU D 110 -8.12 -29.45 -0.04
C LEU D 110 -7.60 -28.06 -0.38
N THR D 111 -7.16 -27.89 -1.62
CA THR D 111 -6.74 -26.60 -2.12
C THR D 111 -7.68 -26.17 -3.23
N VAL D 112 -8.31 -25.02 -3.05
CA VAL D 112 -9.20 -24.46 -4.05
C VAL D 112 -8.58 -23.23 -4.69
N LEU D 113 -8.47 -23.24 -6.02
CA LEU D 113 -7.79 -22.19 -6.75
C LEU D 113 -8.72 -21.54 -7.77
N GLU D 114 -8.47 -20.28 -8.11
CA GLU D 114 -9.21 -19.64 -9.20
C GLU D 114 -8.89 -20.29 -10.54
N ASP D 115 -7.64 -20.67 -10.74
CA ASP D 115 -7.19 -21.08 -12.06
C ASP D 115 -6.23 -22.26 -11.96
N LEU D 116 -6.70 -23.42 -12.40
CA LEU D 116 -5.87 -24.62 -12.33
C LEU D 116 -4.61 -24.49 -13.19
N ARG D 117 -4.59 -23.50 -14.09
CA ARG D 117 -3.44 -23.36 -14.97
C ARG D 117 -2.18 -22.96 -14.20
N ASN D 118 -2.36 -22.47 -12.98
CA ASN D 118 -1.22 -22.10 -12.16
C ASN D 118 -0.55 -23.31 -11.48
N VAL D 119 -1.16 -24.49 -11.59
CA VAL D 119 -0.61 -25.64 -10.92
C VAL D 119 0.66 -26.08 -11.66
N THR D 120 1.74 -26.23 -10.90
CA THR D 120 3.06 -26.47 -11.46
C THR D 120 3.90 -27.37 -10.56
N PRO D 121 4.58 -28.38 -11.11
CA PRO D 121 5.45 -29.23 -10.30
C PRO D 121 6.77 -28.53 -9.96
N PRO D 122 7.49 -29.03 -8.95
CA PRO D 122 8.77 -28.43 -8.57
C PRO D 122 9.90 -28.74 -9.52
N LYS D 123 10.85 -27.81 -9.63
CA LYS D 123 12.18 -28.07 -10.16
C LYS D 123 13.05 -28.51 -9.00
N VAL D 124 13.67 -29.68 -9.12
CA VAL D 124 14.44 -30.24 -8.01
C VAL D 124 15.91 -30.28 -8.41
N SER D 125 16.76 -29.69 -7.57
CA SER D 125 18.20 -29.63 -7.84
CA SER D 125 18.20 -29.66 -7.84
C SER D 125 19.00 -30.10 -6.62
N LEU D 126 20.01 -30.94 -6.87
CA LEU D 126 20.88 -31.44 -5.83
C LEU D 126 22.27 -30.82 -6.05
N PHE D 127 22.83 -30.28 -4.97
CA PHE D 127 24.12 -29.61 -5.01
C PHE D 127 25.13 -30.42 -4.21
N GLU D 128 26.25 -30.73 -4.84
CA GLU D 128 27.31 -31.45 -4.18
C GLU D 128 28.02 -30.49 -3.23
N PRO D 129 28.69 -31.04 -2.21
CA PRO D 129 29.41 -30.24 -1.21
C PRO D 129 30.49 -29.39 -1.81
N SER D 130 30.70 -28.22 -1.22
CA SER D 130 31.78 -27.32 -1.62
C SER D 130 33.15 -27.82 -1.17
N LYS D 131 34.17 -27.50 -1.96
CA LYS D 131 35.53 -27.90 -1.67
C LYS D 131 35.96 -27.28 -0.34
N ALA D 132 35.50 -26.07 -0.07
CA ALA D 132 35.85 -25.39 1.17
C ALA D 132 35.31 -26.13 2.40
N GLU D 133 34.07 -26.60 2.33
CA GLU D 133 33.48 -27.29 3.48
C GLU D 133 34.28 -28.56 3.77
N ILE D 134 34.54 -29.34 2.73
CA ILE D 134 35.23 -30.60 2.89
C ILE D 134 36.62 -30.39 3.50
N ALA D 135 37.32 -29.36 3.04
CA ALA D 135 38.69 -29.13 3.47
C ALA D 135 38.74 -28.61 4.89
N ASN D 136 37.68 -27.91 5.30
CA ASN D 136 37.73 -27.07 6.50
C ASN D 136 36.98 -27.62 7.70
N LYS D 137 36.06 -28.55 7.47
CA LYS D 137 35.22 -29.11 8.52
C LYS D 137 35.17 -30.64 8.53
N GLN D 138 35.74 -31.27 7.50
CA GLN D 138 35.67 -32.72 7.37
C GLN D 138 34.22 -33.23 7.38
N LYS D 139 33.29 -32.36 7.02
CA LYS D 139 31.92 -32.76 6.73
C LYS D 139 31.59 -32.41 5.32
N ALA D 140 30.54 -33.05 4.82
CA ALA D 140 30.08 -32.85 3.47
C ALA D 140 28.57 -32.71 3.49
N THR D 141 28.09 -31.53 3.13
CA THR D 141 26.66 -31.24 3.11
C THR D 141 26.14 -31.17 1.67
N LEU D 142 25.15 -32.00 1.38
CA LEU D 142 24.44 -31.94 0.11
C LEU D 142 23.20 -31.12 0.34
N VAL D 143 22.88 -30.25 -0.62
CA VAL D 143 21.70 -29.40 -0.50
C VAL D 143 20.70 -29.83 -1.56
N CYS D 144 19.45 -29.91 -1.18
CA CYS D 144 18.41 -30.16 -2.16
C CYS D 144 17.46 -28.98 -2.16
N LEU D 145 17.22 -28.46 -3.35
CA LEU D 145 16.29 -27.36 -3.52
C LEU D 145 15.12 -27.81 -4.38
N ALA D 146 13.88 -27.62 -3.89
CA ALA D 146 12.70 -27.90 -4.68
C ALA D 146 11.90 -26.63 -4.72
N ARG D 147 11.77 -26.05 -5.90
CA ARG D 147 11.10 -24.76 -6.01
C ARG D 147 10.35 -24.58 -7.33
N GLY D 148 9.60 -23.49 -7.40
CA GLY D 148 8.83 -23.15 -8.57
C GLY D 148 7.52 -23.94 -8.61
N PHE D 149 7.14 -24.53 -7.48
CA PHE D 149 5.92 -25.34 -7.43
C PHE D 149 4.69 -24.63 -6.85
N PHE D 150 3.53 -25.14 -7.23
CA PHE D 150 2.26 -24.58 -6.79
C PHE D 150 1.16 -25.62 -7.03
N PRO D 151 0.30 -25.84 -6.02
CA PRO D 151 0.28 -25.24 -4.69
C PRO D 151 1.24 -25.96 -3.73
N ASP D 152 1.10 -25.67 -2.44
CA ASP D 152 2.02 -26.14 -1.38
C ASP D 152 1.81 -27.65 -1.10
N HIS D 153 2.16 -28.51 -2.07
CA HIS D 153 1.79 -29.93 -2.05
C HIS D 153 3.01 -30.84 -2.33
N VAL D 154 4.10 -30.67 -1.60
CA VAL D 154 5.31 -31.46 -1.85
C VAL D 154 5.81 -32.13 -0.58
N GLU D 155 6.45 -33.29 -0.76
CA GLU D 155 7.09 -34.02 0.32
C GLU D 155 8.49 -34.42 -0.15
N LEU D 156 9.49 -34.19 0.70
CA LEU D 156 10.87 -34.42 0.31
C LEU D 156 11.52 -35.46 1.21
N SER D 157 12.27 -36.37 0.60
CA SER D 157 12.96 -37.43 1.35
C SER D 157 14.35 -37.67 0.76
N TRP D 158 15.24 -38.24 1.58
CA TRP D 158 16.61 -38.51 1.17
C TRP D 158 16.88 -40.00 1.21
N TRP D 159 17.61 -40.49 0.21
CA TRP D 159 17.91 -41.91 0.08
C TRP D 159 19.39 -42.08 -0.23
N VAL D 160 20.07 -42.88 0.58
CA VAL D 160 21.48 -43.16 0.43
C VAL D 160 21.65 -44.65 0.20
N ASN D 161 22.30 -44.97 -0.91
CA ASN D 161 22.45 -46.36 -1.33
C ASN D 161 21.11 -47.09 -1.31
N GLY D 162 20.05 -46.39 -1.71
CA GLY D 162 18.74 -47.02 -1.88
C GLY D 162 17.89 -47.17 -0.62
N LYS D 163 18.35 -46.66 0.52
CA LYS D 163 17.61 -46.74 1.78
C LYS D 163 17.34 -45.33 2.31
N GLU D 164 16.13 -45.09 2.82
CA GLU D 164 15.79 -43.76 3.30
C GLU D 164 16.66 -43.44 4.52
N VAL D 165 17.14 -42.20 4.60
CA VAL D 165 17.89 -41.75 5.78
C VAL D 165 17.22 -40.57 6.51
N HIS D 166 17.53 -40.44 7.80
CA HIS D 166 17.05 -39.34 8.64
C HIS D 166 18.19 -38.66 9.39
N SER D 167 19.17 -39.46 9.79
CA SER D 167 20.36 -38.95 10.45
C SER D 167 21.06 -37.95 9.51
N GLY D 168 21.34 -36.76 10.03
CA GLY D 168 22.06 -35.75 9.28
C GLY D 168 21.17 -34.93 8.34
N VAL D 169 19.88 -35.20 8.35
CA VAL D 169 18.91 -34.48 7.51
C VAL D 169 18.32 -33.30 8.26
N SER D 170 18.24 -32.15 7.59
CA SER D 170 17.52 -31.01 8.13
C SER D 170 16.73 -30.41 6.97
N THR D 171 15.41 -30.61 7.02
CA THR D 171 14.52 -30.09 5.99
C THR D 171 13.75 -28.90 6.56
N ASP D 172 13.62 -27.84 5.78
CA ASP D 172 12.81 -26.69 6.20
C ASP D 172 11.41 -27.21 6.64
N PRO D 173 10.90 -26.75 7.78
CA PRO D 173 9.59 -27.26 8.25
C PRO D 173 8.41 -26.87 7.37
N GLN D 174 8.54 -25.74 6.68
CA GLN D 174 7.48 -25.22 5.83
C GLN D 174 8.12 -24.61 4.58
N ALA D 175 7.55 -24.89 3.41
CA ALA D 175 7.96 -24.17 2.21
C ALA D 175 7.52 -22.73 2.37
N TYR D 176 8.23 -21.79 1.76
CA TYR D 176 7.73 -20.42 1.78
C TYR D 176 7.28 -19.99 0.40
N LYS D 177 6.39 -19.01 0.33
CA LYS D 177 5.92 -18.52 -0.94
C LYS D 177 6.91 -17.49 -1.48
N GLU D 178 7.43 -17.75 -2.68
CA GLU D 178 8.30 -16.81 -3.40
C GLU D 178 7.50 -15.71 -4.08
N SER D 179 6.27 -16.04 -4.42
CA SER D 179 5.38 -15.10 -5.04
C SER D 179 3.98 -15.62 -4.82
N ASN D 180 2.99 -14.95 -5.39
CA ASN D 180 1.61 -15.37 -5.20
C ASN D 180 1.35 -16.77 -5.75
N TYR D 181 2.20 -17.23 -6.67
CA TYR D 181 1.95 -18.51 -7.33
C TYR D 181 3.14 -19.48 -7.38
N SER D 182 4.04 -19.40 -6.41
CA SER D 182 5.24 -20.24 -6.44
C SER D 182 5.78 -20.43 -5.04
N TYR D 183 6.20 -21.66 -4.73
CA TYR D 183 6.80 -21.98 -3.45
C TYR D 183 8.23 -22.50 -3.62
N SER D 184 8.99 -22.41 -2.53
CA SER D 184 10.35 -22.94 -2.45
C SER D 184 10.54 -23.72 -1.14
N LEU D 185 11.28 -24.83 -1.23
CA LEU D 185 11.62 -25.68 -0.10
C LEU D 185 13.05 -26.17 -0.25
N SER D 186 13.82 -26.19 0.84
CA SER D 186 15.16 -26.73 0.79
C SER D 186 15.39 -27.76 1.92
N SER D 187 16.40 -28.60 1.71
CA SER D 187 16.79 -29.59 2.70
C SER D 187 18.30 -29.79 2.57
N ARG D 188 18.91 -30.17 3.67
CA ARG D 188 20.32 -30.50 3.69
C ARG D 188 20.51 -31.92 4.23
N LEU D 189 21.43 -32.67 3.62
CA LEU D 189 21.90 -33.92 4.18
C LEU D 189 23.40 -33.81 4.47
N ARG D 190 23.75 -33.89 5.75
CA ARG D 190 25.14 -33.82 6.12
C ARG D 190 25.71 -35.21 6.41
N VAL D 191 26.78 -35.55 5.70
CA VAL D 191 27.52 -36.79 5.95
C VAL D 191 29.00 -36.47 6.27
N SER D 192 29.77 -37.50 6.61
CA SER D 192 31.20 -37.27 6.87
C SER D 192 31.93 -37.08 5.53
N ALA D 193 33.02 -36.32 5.53
CA ALA D 193 33.83 -36.16 4.33
C ALA D 193 34.27 -37.54 3.84
N THR D 194 34.57 -38.44 4.78
CA THR D 194 35.00 -39.78 4.42
C THR D 194 33.94 -40.52 3.64
N PHE D 195 32.68 -40.40 4.07
CA PHE D 195 31.59 -41.08 3.38
C PHE D 195 31.33 -40.49 1.99
N TRP D 196 31.47 -39.17 1.85
CA TRP D 196 31.27 -38.53 0.56
C TRP D 196 32.40 -38.92 -0.41
N HIS D 197 33.60 -39.14 0.14
CA HIS D 197 34.82 -39.42 -0.64
C HIS D 197 34.78 -40.71 -1.49
N ASN D 198 33.76 -41.53 -1.29
CA ASN D 198 33.63 -42.86 -1.89
C ASN D 198 32.74 -42.84 -3.14
N PRO D 199 33.33 -43.01 -4.32
CA PRO D 199 32.61 -42.98 -5.61
C PRO D 199 31.43 -43.94 -5.67
N ARG D 200 31.45 -45.01 -4.86
CA ARG D 200 30.39 -46.02 -4.86
C ARG D 200 29.19 -45.69 -3.96
N ASN D 201 29.25 -44.58 -3.21
CA ASN D 201 28.08 -44.17 -2.47
C ASN D 201 27.14 -43.32 -3.34
N HIS D 202 25.86 -43.65 -3.27
CA HIS D 202 24.84 -43.00 -4.09
C HIS D 202 23.86 -42.22 -3.22
N PHE D 203 23.57 -41.00 -3.64
CA PHE D 203 22.70 -40.07 -2.94
C PHE D 203 21.55 -39.59 -3.84
N ARG D 204 20.33 -39.59 -3.28
CA ARG D 204 19.16 -39.09 -4.01
C ARG D 204 18.23 -38.30 -3.09
N CYS D 205 17.84 -37.10 -3.57
CA CYS D 205 16.78 -36.31 -2.99
C CYS D 205 15.55 -36.61 -3.83
N GLN D 206 14.51 -37.11 -3.18
CA GLN D 206 13.29 -37.54 -3.85
C GLN D 206 12.14 -36.64 -3.39
N VAL D 207 11.46 -36.03 -4.34
CA VAL D 207 10.32 -35.19 -4.01
C VAL D 207 9.07 -35.81 -4.61
N GLN D 208 7.98 -35.77 -3.87
CA GLN D 208 6.71 -36.16 -4.43
C GLN D 208 5.83 -34.92 -4.48
N PHE D 209 5.23 -34.67 -5.63
CA PHE D 209 4.34 -33.53 -5.84
C PHE D 209 2.92 -34.03 -6.06
N HIS D 210 1.99 -33.45 -5.31
CA HIS D 210 0.59 -33.81 -5.41
C HIS D 210 -0.16 -32.79 -6.25
N GLY D 211 -0.56 -33.20 -7.45
CA GLY D 211 -1.08 -32.27 -8.43
C GLY D 211 -2.51 -32.54 -8.87
N LEU D 212 -2.76 -32.33 -10.16
CA LEU D 212 -4.07 -32.52 -10.73
C LEU D 212 -4.34 -34.02 -10.89
N SER D 213 -5.60 -34.40 -11.03
CA SER D 213 -5.94 -35.83 -11.17
C SER D 213 -6.10 -36.23 -12.63
N GLU D 214 -6.06 -37.54 -12.88
CA GLU D 214 -6.41 -38.10 -14.19
C GLU D 214 -7.70 -37.47 -14.67
N GLU D 215 -8.62 -37.24 -13.73
CA GLU D 215 -9.93 -36.66 -14.02
C GLU D 215 -9.89 -35.25 -14.63
N ASP D 216 -8.91 -34.46 -14.23
CA ASP D 216 -8.83 -33.05 -14.62
C ASP D 216 -8.51 -32.83 -16.09
N LYS D 217 -9.12 -31.81 -16.67
CA LYS D 217 -8.79 -31.41 -18.05
C LYS D 217 -7.53 -30.56 -18.04
N TRP D 218 -6.90 -30.45 -19.20
CA TRP D 218 -5.70 -29.65 -19.36
C TRP D 218 -5.55 -29.20 -20.81
N PRO D 219 -5.22 -27.92 -21.02
CA PRO D 219 -5.10 -27.38 -22.38
C PRO D 219 -3.86 -27.90 -23.09
N GLU D 220 -3.95 -28.06 -24.40
CA GLU D 220 -2.82 -28.57 -25.16
C GLU D 220 -1.65 -27.57 -25.16
N GLY D 221 -0.43 -28.09 -25.31
CA GLY D 221 0.74 -27.25 -25.47
C GLY D 221 1.65 -27.24 -24.26
N SER D 222 1.32 -28.05 -23.26
CA SER D 222 2.17 -28.21 -22.10
C SER D 222 1.76 -29.42 -21.28
N PRO D 223 2.73 -30.03 -20.60
CA PRO D 223 2.56 -31.19 -19.74
C PRO D 223 1.57 -30.93 -18.61
N LYS D 224 0.59 -31.81 -18.47
CA LYS D 224 -0.35 -31.75 -17.38
C LYS D 224 0.36 -31.99 -16.05
N PRO D 225 0.20 -31.07 -15.09
CA PRO D 225 0.92 -31.16 -13.81
C PRO D 225 0.26 -32.14 -12.84
N VAL D 226 0.33 -33.42 -13.19
CA VAL D 226 -0.27 -34.47 -12.39
C VAL D 226 0.64 -34.80 -11.20
N THR D 227 0.13 -35.60 -10.29
CA THR D 227 0.92 -36.12 -9.18
C THR D 227 2.08 -36.93 -9.75
N GLN D 228 3.27 -36.73 -9.19
CA GLN D 228 4.46 -37.35 -9.76
C GLN D 228 5.61 -37.29 -8.80
N ASN D 229 6.62 -38.10 -9.08
CA ASN D 229 7.86 -38.11 -8.34
C ASN D 229 8.94 -37.42 -9.16
N ILE D 230 9.69 -36.54 -8.51
CA ILE D 230 10.79 -35.83 -9.18
C ILE D 230 12.02 -35.97 -8.30
N SER D 231 13.14 -36.38 -8.88
CA SER D 231 14.32 -36.55 -8.04
C SER D 231 15.60 -35.98 -8.66
N ALA D 232 16.65 -35.86 -7.83
CA ALA D 232 17.98 -35.49 -8.30
C ALA D 232 18.96 -36.37 -7.52
N GLU D 233 20.06 -36.75 -8.16
CA GLU D 233 20.94 -37.74 -7.58
C GLU D 233 22.41 -37.37 -7.82
N ALA D 234 23.29 -37.95 -7.01
CA ALA D 234 24.72 -37.81 -7.24
C ALA D 234 25.42 -39.00 -6.63
N TRP D 235 26.62 -39.28 -7.12
CA TRP D 235 27.45 -40.29 -6.50
C TRP D 235 28.56 -39.54 -5.78
N GLY D 236 29.19 -40.21 -4.82
CA GLY D 236 30.32 -39.64 -4.12
C GLY D 236 31.46 -39.47 -5.09
N ARG D 237 32.57 -38.91 -4.62
CA ARG D 237 33.68 -38.65 -5.53
C ARG D 237 35.04 -38.68 -4.85
N ALA D 238 36.04 -39.04 -5.63
CA ALA D 238 37.40 -39.11 -5.17
C ALA D 238 37.95 -37.70 -4.99
N ASP D 239 39.13 -37.60 -4.38
CA ASP D 239 39.83 -36.33 -4.21
C ASP D 239 39.85 -35.51 -5.51
#